data_3CF8
#
_entry.id   3CF8
#
_cell.length_a   73.987
_cell.length_b   100.438
_cell.length_c   186.009
_cell.angle_alpha   90.000
_cell.angle_beta   90.000
_cell.angle_gamma   90.000
#
_symmetry.space_group_name_H-M   'P 21 21 21'
#
loop_
_entity.id
_entity.type
_entity.pdbx_description
1 polymer '(3R)-hydroxymyristoyl-acyl carrier protein dehydratase'
2 non-polymer 'CHLORIDE ION'
3 non-polymer BENZAMIDINE
4 non-polymer "3,5,7,3',4'-PENTAHYDROXYFLAVONE"
5 water water
#
_entity_poly.entity_id   1
_entity_poly.type   'polypeptide(L)'
_entity_poly.pdbx_seq_one_letter_code
;MEQSHQNLQSQFFIEHILQILPHRYPMLLVDRITELQANQKIVAYKNITFNEDVFNGHFPNKPIFPGVLIVEGMAQSGGF
LAFTSLWGFDPEIAKTKIVYFMTIDKVKFRIPVTPGDRLEYHLEVLKHKGMIWQVGGTAQVDGKVVAEAELKAMIAERE
;
_entity_poly.pdbx_strand_id   A,B,C,D,E,F
#
# COMPACT_ATOMS: atom_id res chain seq x y z
N LEU A 8 7.29 9.30 35.91
CA LEU A 8 7.69 9.33 34.48
C LEU A 8 8.75 8.26 34.19
N GLN A 9 8.36 7.26 33.41
CA GLN A 9 9.25 6.15 33.05
C GLN A 9 10.39 6.58 32.10
N SER A 10 11.34 5.67 31.88
CA SER A 10 12.46 5.95 30.99
C SER A 10 12.48 4.99 29.78
N GLN A 11 11.67 3.93 29.85
CA GLN A 11 11.43 3.01 28.73
C GLN A 11 9.97 3.01 28.29
N PHE A 12 9.74 3.15 26.98
CA PHE A 12 8.40 3.14 26.41
C PHE A 12 8.38 2.27 25.16
N PHE A 13 7.29 1.51 25.00
CA PHE A 13 7.12 0.64 23.86
C PHE A 13 6.08 1.21 22.89
N ILE A 14 5.93 0.56 21.74
CA ILE A 14 5.04 1.05 20.69
C ILE A 14 3.63 1.40 21.17
N GLU A 15 3.09 0.62 22.11
CA GLU A 15 1.79 0.90 22.71
C GLU A 15 1.70 2.31 23.34
N HIS A 16 2.79 2.71 23.99
CA HIS A 16 2.87 4.01 24.67
C HIS A 16 3.13 5.16 23.70
N ILE A 17 3.94 4.89 22.67
CA ILE A 17 4.25 5.87 21.63
C ILE A 17 3.00 6.26 20.86
N LEU A 18 2.11 5.30 20.65
CA LEU A 18 0.84 5.49 19.95
C LEU A 18 -0.11 6.40 20.74
N GLN A 19 -0.01 6.32 22.06
CA GLN A 19 -0.86 7.10 22.95
C GLN A 19 -0.42 8.56 23.09
N ILE A 20 0.84 8.83 22.76
CA ILE A 20 1.42 10.16 22.87
C ILE A 20 1.50 10.85 21.51
N LEU A 21 2.09 10.18 20.51
CA LEU A 21 2.20 10.76 19.17
C LEU A 21 0.92 10.56 18.36
N PRO A 22 0.57 11.55 17.51
CA PRO A 22 -0.59 11.42 16.62
C PRO A 22 -0.23 10.74 15.30
N HIS A 23 1.06 10.68 14.98
CA HIS A 23 1.56 10.03 13.78
C HIS A 23 1.06 8.58 13.69
N ARG A 24 0.73 8.17 12.47
CA ARG A 24 0.32 6.80 12.22
C ARG A 24 0.96 6.34 10.91
N TYR A 25 0.74 5.08 10.54
CA TYR A 25 1.24 4.51 9.28
C TYR A 25 0.82 5.37 8.07
N PRO A 26 1.74 5.63 7.11
CA PRO A 26 3.17 5.25 7.04
C PRO A 26 4.13 6.36 7.53
N MET A 27 3.74 7.07 8.58
CA MET A 27 4.52 8.20 9.09
C MET A 27 4.84 8.14 10.60
N LEU A 28 4.59 7.00 11.25
CA LEU A 28 5.10 6.81 12.61
C LEU A 28 6.46 6.12 12.55
N LEU A 29 7.52 6.86 12.88
CA LEU A 29 8.89 6.42 12.61
C LEU A 29 9.73 6.25 13.87
N VAL A 30 9.07 5.92 14.98
CA VAL A 30 9.75 5.57 16.22
C VAL A 30 9.07 4.31 16.75
N ASP A 31 9.88 3.28 17.06
CA ASP A 31 9.36 1.98 17.52
C ASP A 31 9.47 1.77 19.02
N ARG A 32 10.49 2.34 19.63
CA ARG A 32 10.77 2.13 21.05
C ARG A 32 11.62 3.26 21.62
N ILE A 33 11.34 3.61 22.87
CA ILE A 33 12.12 4.59 23.64
C ILE A 33 12.94 3.82 24.67
N THR A 34 14.26 4.00 24.65
CA THR A 34 15.13 3.30 25.62
C THR A 34 15.56 4.15 26.82
N GLU A 35 15.75 5.45 26.58
CA GLU A 35 16.11 6.41 27.64
C GLU A 35 15.28 7.66 27.50
N LEU A 36 14.89 8.23 28.63
CA LEU A 36 14.20 9.51 28.65
C LEU A 36 14.51 10.19 29.97
N GLN A 37 15.12 11.37 29.89
CA GLN A 37 15.23 12.28 31.03
C GLN A 37 14.49 13.56 30.73
N ALA A 38 13.46 13.86 31.53
CA ALA A 38 12.65 15.06 31.35
C ALA A 38 13.50 16.31 31.18
N ASN A 39 13.16 17.13 30.18
CA ASN A 39 13.84 18.41 29.90
C ASN A 39 15.30 18.31 29.46
N GLN A 40 15.78 17.09 29.27
CA GLN A 40 17.20 16.88 28.99
C GLN A 40 17.45 16.06 27.73
N LYS A 41 16.96 14.83 27.71
CA LYS A 41 17.24 13.94 26.60
C LYS A 41 16.33 12.73 26.41
N ILE A 42 16.42 12.17 25.21
CA ILE A 42 15.71 10.96 24.82
C ILE A 42 16.62 10.14 23.91
N VAL A 43 16.60 8.82 24.13
CA VAL A 43 17.21 7.87 23.21
C VAL A 43 16.10 6.91 22.79
N ALA A 44 15.82 6.92 21.49
CA ALA A 44 14.78 6.08 20.91
C ALA A 44 15.34 5.42 19.66
N TYR A 45 14.58 4.49 19.08
CA TYR A 45 15.00 3.89 17.83
C TYR A 45 13.86 3.44 16.95
N LYS A 46 14.18 3.28 15.67
CA LYS A 46 13.30 2.71 14.67
C LYS A 46 14.08 1.59 13.99
N ASN A 47 13.45 0.42 13.87
CA ASN A 47 14.04 -0.68 13.09
C ASN A 47 13.84 -0.42 11.61
N ILE A 48 14.86 -0.73 10.81
CA ILE A 48 14.76 -0.56 9.36
C ILE A 48 14.69 -1.94 8.71
N THR A 49 13.62 -2.16 7.96
CA THR A 49 13.36 -3.47 7.34
C THR A 49 13.03 -3.32 5.85
N PHE A 50 13.33 -4.35 5.06
CA PHE A 50 12.99 -4.30 3.63
C PHE A 50 11.48 -4.20 3.42
N ASN A 51 10.73 -4.82 4.33
CA ASN A 51 9.26 -4.83 4.29
C ASN A 51 8.60 -3.46 4.58
N GLU A 52 9.18 -2.40 4.03
CA GLU A 52 8.60 -1.07 4.14
C GLU A 52 8.31 -0.51 2.75
N ASP A 53 7.13 0.09 2.58
CA ASP A 53 6.70 0.59 1.28
C ASP A 53 7.68 1.60 0.68
N VAL A 54 8.27 2.43 1.54
CA VAL A 54 9.24 3.44 1.13
C VAL A 54 10.35 2.89 0.20
N PHE A 55 10.75 1.64 0.43
CA PHE A 55 11.85 1.03 -0.32
C PHE A 55 11.48 0.61 -1.75
N ASN A 56 10.19 0.51 -2.04
CA ASN A 56 9.75 0.31 -3.42
C ASN A 56 10.27 1.40 -4.35
N GLY A 57 10.37 2.63 -3.82
CA GLY A 57 10.79 3.77 -4.63
C GLY A 57 12.09 4.46 -4.25
N HIS A 58 12.78 3.95 -3.24
CA HIS A 58 13.99 4.60 -2.75
C HIS A 58 15.06 3.61 -2.29
N PHE A 59 15.72 2.91 -3.21
CA PHE A 59 15.47 2.96 -4.66
C PHE A 59 15.27 1.53 -5.17
N PRO A 60 14.62 1.36 -6.33
CA PRO A 60 14.56 -0.01 -6.90
C PRO A 60 15.95 -0.64 -7.01
N ASN A 61 16.06 -1.91 -6.57
CA ASN A 61 17.34 -2.64 -6.51
C ASN A 61 18.42 -2.07 -5.58
N LYS A 62 18.11 -0.97 -4.89
CA LYS A 62 19.01 -0.43 -3.85
C LYS A 62 18.26 0.30 -2.73
N PRO A 63 17.79 -0.48 -1.73
CA PRO A 63 17.05 0.11 -0.59
C PRO A 63 17.92 1.00 0.30
N ILE A 64 17.60 2.30 0.33
CA ILE A 64 18.25 3.29 1.17
C ILE A 64 17.16 4.04 1.92
N PHE A 65 17.25 4.09 3.25
CA PHE A 65 16.28 4.82 4.05
C PHE A 65 16.48 6.33 3.83
N PRO A 66 15.42 7.02 3.38
CA PRO A 66 15.47 8.46 3.08
C PRO A 66 15.97 9.30 4.24
N GLY A 67 17.01 10.08 3.97
CA GLY A 67 17.61 10.99 4.93
C GLY A 67 16.62 11.91 5.63
N VAL A 68 15.64 12.41 4.88
CA VAL A 68 14.61 13.28 5.44
C VAL A 68 13.68 12.52 6.42
N LEU A 69 13.61 11.20 6.28
CA LEU A 69 12.81 10.37 7.19
C LEU A 69 13.56 10.08 8.47
N ILE A 70 14.89 10.05 8.38
CA ILE A 70 15.75 10.01 9.56
C ILE A 70 15.49 11.25 10.41
N VAL A 71 15.50 12.42 9.74
CA VAL A 71 15.23 13.71 10.39
C VAL A 71 13.84 13.72 11.02
N GLU A 72 12.85 13.24 10.29
CA GLU A 72 11.47 13.11 10.77
C GLU A 72 11.36 12.27 12.05
N GLY A 73 12.09 11.15 12.10
CA GLY A 73 12.14 10.30 13.28
C GLY A 73 12.81 10.95 14.47
N MET A 74 13.87 11.71 14.22
CA MET A 74 14.52 12.55 15.23
C MET A 74 13.56 13.59 15.78
N ALA A 75 12.81 14.25 14.89
CA ALA A 75 11.77 15.20 15.26
C ALA A 75 10.67 14.59 16.14
N GLN A 76 10.22 13.39 15.77
CA GLN A 76 9.19 12.69 16.54
C GLN A 76 9.66 12.28 17.93
N SER A 77 10.91 11.83 18.03
CA SER A 77 11.54 11.54 19.32
C SER A 77 11.61 12.82 20.14
N GLY A 78 12.10 13.90 19.51
CA GLY A 78 12.10 15.22 20.10
C GLY A 78 10.73 15.68 20.58
N GLY A 79 9.70 15.46 19.76
CA GLY A 79 8.32 15.82 20.10
C GLY A 79 7.76 15.05 21.29
N PHE A 80 8.12 13.76 21.40
CA PHE A 80 7.74 12.91 22.52
C PHE A 80 8.40 13.40 23.82
N LEU A 81 9.68 13.73 23.73
CA LEU A 81 10.43 14.29 24.85
C LEU A 81 9.82 15.60 25.34
N ALA A 82 9.53 16.50 24.40
CA ALA A 82 8.94 17.78 24.70
C ALA A 82 7.62 17.63 25.47
N PHE A 83 6.71 16.80 24.94
CA PHE A 83 5.40 16.63 25.55
C PHE A 83 5.48 16.03 26.94
N THR A 84 6.15 14.89 27.06
CA THR A 84 6.23 14.18 28.34
C THR A 84 7.02 14.94 29.40
N SER A 85 7.93 15.82 28.98
CA SER A 85 8.63 16.72 29.90
C SER A 85 7.66 17.65 30.62
N LEU A 86 6.63 18.08 29.89
CA LEU A 86 5.65 19.03 30.42
C LEU A 86 4.44 18.36 31.08
N TRP A 87 3.97 17.24 30.53
CA TRP A 87 2.76 16.61 31.04
C TRP A 87 2.93 15.20 31.58
N GLY A 88 4.14 14.66 31.47
CA GLY A 88 4.38 13.25 31.78
C GLY A 88 3.62 12.38 30.81
N PHE A 89 3.46 11.09 31.16
CA PHE A 89 2.69 10.19 30.31
C PHE A 89 1.20 10.44 30.51
N ASP A 90 0.67 11.38 29.73
CA ASP A 90 -0.73 11.78 29.80
C ASP A 90 -1.42 11.65 28.43
N PRO A 91 -1.91 10.45 28.09
CA PRO A 91 -2.63 10.19 26.83
C PRO A 91 -3.82 11.13 26.56
N GLU A 92 -4.59 11.48 27.60
CA GLU A 92 -5.74 12.37 27.46
C GLU A 92 -5.39 13.77 26.91
N ILE A 93 -4.33 14.36 27.46
CA ILE A 93 -3.87 15.68 27.02
C ILE A 93 -3.08 15.63 25.72
N ALA A 94 -2.27 14.58 25.54
CA ALA A 94 -1.52 14.34 24.29
C ALA A 94 -2.41 14.42 23.06
N LYS A 95 -3.60 13.84 23.18
CA LYS A 95 -4.61 13.79 22.11
C LYS A 95 -5.13 15.17 21.70
N THR A 96 -4.82 16.20 22.49
CA THR A 96 -5.31 17.56 22.26
C THR A 96 -4.18 18.49 21.79
N LYS A 97 -2.97 17.95 21.75
CA LYS A 97 -1.77 18.69 21.40
C LYS A 97 -1.09 18.09 20.17
N ILE A 98 -0.35 18.93 19.45
CA ILE A 98 0.40 18.49 18.29
C ILE A 98 1.75 19.22 18.24
N VAL A 99 2.83 18.48 18.02
CA VAL A 99 4.16 19.07 17.88
C VAL A 99 4.44 19.38 16.42
N TYR A 100 4.66 20.66 16.16
CA TYR A 100 4.84 21.17 14.81
C TYR A 100 6.26 21.73 14.76
N PHE A 101 7.04 21.29 13.79
CA PHE A 101 8.40 21.79 13.66
C PHE A 101 8.51 23.04 12.80
N MET A 102 9.17 24.05 13.36
CA MET A 102 9.28 25.37 12.76
C MET A 102 10.53 25.48 11.90
N THR A 103 11.64 24.97 12.43
CA THR A 103 12.93 25.04 11.75
C THR A 103 13.72 23.72 11.83
N ILE A 104 14.61 23.52 10.84
CA ILE A 104 15.59 22.43 10.83
C ILE A 104 16.91 23.03 10.35
N ASP A 105 17.99 22.73 11.07
CA ASP A 105 19.30 23.31 10.78
C ASP A 105 20.42 22.32 10.95
N LYS A 106 21.53 22.57 10.26
CA LYS A 106 22.77 21.82 10.46
C LYS A 106 22.57 20.30 10.29
N VAL A 107 21.77 19.93 9.28
CA VAL A 107 21.57 18.53 8.93
C VAL A 107 22.78 18.04 8.15
N LYS A 108 23.29 16.89 8.57
CA LYS A 108 24.38 16.25 7.85
C LYS A 108 24.09 14.76 7.74
N PHE A 109 24.26 14.22 6.54
CA PHE A 109 24.13 12.78 6.32
C PHE A 109 25.50 12.20 6.09
N ARG A 110 25.89 11.25 6.94
CA ARG A 110 27.24 10.69 6.93
C ARG A 110 27.30 9.30 6.34
N ILE A 111 26.33 8.45 6.69
CA ILE A 111 26.31 7.04 6.31
C ILE A 111 24.90 6.64 5.87
N PRO A 112 24.77 5.92 4.73
CA PRO A 112 23.45 5.44 4.32
C PRO A 112 22.83 4.43 5.29
N VAL A 113 21.53 4.55 5.52
CA VAL A 113 20.78 3.64 6.37
C VAL A 113 20.04 2.61 5.49
N THR A 114 20.17 1.33 5.84
CA THR A 114 19.68 0.23 5.01
C THR A 114 18.86 -0.79 5.80
N PRO A 115 18.02 -1.61 5.12
CA PRO A 115 17.33 -2.71 5.79
C PRO A 115 18.26 -3.55 6.65
N GLY A 116 17.83 -3.88 7.85
CA GLY A 116 18.66 -4.61 8.81
C GLY A 116 19.26 -3.72 9.89
N ASP A 117 19.23 -2.40 9.66
CA ASP A 117 19.75 -1.42 10.61
C ASP A 117 18.77 -1.10 11.73
N ARG A 118 19.32 -0.85 12.90
CA ARG A 118 18.56 -0.37 14.03
C ARG A 118 18.91 1.11 14.13
N LEU A 119 17.97 1.95 13.68
CA LEU A 119 18.23 3.40 13.59
C LEU A 119 17.94 4.09 14.91
N GLU A 120 19.00 4.37 15.66
CA GLU A 120 18.92 4.92 17.01
C GLU A 120 18.94 6.46 17.01
N TYR A 121 17.91 7.07 17.60
CA TYR A 121 17.80 8.53 17.72
C TYR A 121 18.29 9.03 19.06
N HIS A 122 19.28 9.92 19.04
CA HIS A 122 19.80 10.57 20.24
C HIS A 122 19.51 12.06 20.15
N LEU A 123 18.54 12.52 20.94
CA LEU A 123 18.18 13.94 20.98
C LEU A 123 18.40 14.52 22.35
N GLU A 124 18.85 15.77 22.38
CA GLU A 124 19.06 16.47 23.63
C GLU A 124 18.51 17.89 23.56
N VAL A 125 18.00 18.38 24.69
CA VAL A 125 17.36 19.69 24.75
C VAL A 125 18.39 20.82 24.86
N LEU A 126 18.44 21.66 23.83
CA LEU A 126 19.36 22.79 23.79
C LEU A 126 18.75 24.02 24.45
N LYS A 127 17.45 24.19 24.24
CA LYS A 127 16.68 25.27 24.89
C LYS A 127 15.18 24.94 24.91
N HIS A 128 14.52 25.26 26.02
CA HIS A 128 13.08 25.18 26.09
C HIS A 128 12.48 26.31 26.93
N LYS A 129 11.38 26.88 26.45
CA LYS A 129 10.61 27.85 27.22
C LYS A 129 9.16 27.70 26.78
N GLY A 130 8.34 27.16 27.68
CA GLY A 130 6.94 26.91 27.39
C GLY A 130 6.78 25.87 26.32
N MET A 131 6.09 26.26 25.25
CA MET A 131 5.72 25.35 24.18
C MET A 131 6.77 25.26 23.08
N ILE A 132 7.77 26.14 23.14
CA ILE A 132 8.85 26.17 22.16
C ILE A 132 10.05 25.35 22.64
N TRP A 133 10.38 24.32 21.86
CA TRP A 133 11.44 23.38 22.19
C TRP A 133 12.49 23.30 21.09
N GLN A 134 13.74 23.50 21.48
CA GLN A 134 14.87 23.47 20.57
C GLN A 134 15.73 22.27 20.94
N VAL A 135 15.82 21.31 20.04
CA VAL A 135 16.55 20.06 20.30
C VAL A 135 17.58 19.79 19.22
N GLY A 136 18.59 19.00 19.56
CA GLY A 136 19.66 18.67 18.63
C GLY A 136 20.22 17.31 19.00
N GLY A 137 20.86 16.66 18.04
CA GLY A 137 21.45 15.36 18.28
C GLY A 137 21.76 14.60 17.01
N THR A 138 21.69 13.28 17.10
CA THR A 138 22.19 12.40 16.04
C THR A 138 21.30 11.18 15.84
N ALA A 139 21.38 10.59 14.65
CA ALA A 139 20.90 9.25 14.40
C ALA A 139 22.13 8.34 14.32
N GLN A 140 22.04 7.19 14.97
CA GLN A 140 23.16 6.26 15.05
C GLN A 140 22.78 4.85 14.64
N VAL A 141 23.74 4.17 14.02
CA VAL A 141 23.65 2.75 13.75
C VAL A 141 24.96 2.14 14.23
N ASP A 142 24.87 1.11 15.08
CA ASP A 142 26.03 0.45 15.68
C ASP A 142 27.00 1.45 16.32
N GLY A 143 26.45 2.43 17.03
CA GLY A 143 27.25 3.45 17.72
C GLY A 143 27.98 4.40 16.80
N LYS A 144 27.66 4.35 15.51
CA LYS A 144 28.21 5.25 14.51
C LYS A 144 27.18 6.29 14.10
N VAL A 145 27.58 7.55 14.12
CA VAL A 145 26.74 8.68 13.71
C VAL A 145 26.48 8.61 12.20
N VAL A 146 25.22 8.39 11.83
CA VAL A 146 24.83 8.30 10.42
C VAL A 146 24.17 9.59 9.95
N ALA A 147 23.69 10.40 10.89
CA ALA A 147 23.09 11.71 10.63
C ALA A 147 23.17 12.60 11.87
N GLU A 148 23.12 13.91 11.63
CA GLU A 148 23.06 14.94 12.67
C GLU A 148 21.99 15.93 12.26
N ALA A 149 21.29 16.51 13.24
CA ALA A 149 20.29 17.55 12.96
C ALA A 149 20.01 18.41 14.17
N GLU A 150 19.59 19.64 13.90
CA GLU A 150 19.03 20.54 14.90
C GLU A 150 17.69 20.99 14.40
N LEU A 151 16.74 21.11 15.31
CA LEU A 151 15.38 21.51 14.98
C LEU A 151 14.70 22.21 16.15
N LYS A 152 13.80 23.12 15.80
CA LYS A 152 12.99 23.86 16.75
C LYS A 152 11.54 23.46 16.53
N ALA A 153 10.87 23.10 17.62
CA ALA A 153 9.49 22.63 17.56
C ALA A 153 8.55 23.53 18.33
N MET A 154 7.27 23.34 18.07
CA MET A 154 6.22 24.10 18.71
C MET A 154 5.15 23.12 19.16
N ILE A 155 4.83 23.15 20.45
CA ILE A 155 3.71 22.37 20.97
C ILE A 155 2.48 23.22 20.71
N ALA A 156 1.71 22.80 19.71
CA ALA A 156 0.56 23.55 19.27
C ALA A 156 -0.72 22.87 19.69
N GLU A 157 -1.80 23.63 19.64
CA GLU A 157 -3.13 23.09 19.86
C GLU A 157 -3.55 22.28 18.64
N ARG A 158 -4.17 21.13 18.87
CA ARG A 158 -4.64 20.29 17.77
C ARG A 158 -5.89 20.90 17.10
N GLU A 159 -6.69 21.63 17.87
CA GLU A 159 -7.86 22.35 17.34
C GLU A 159 -7.88 23.84 17.73
N GLN B 11 10.47 23.02 -20.30
CA GLN B 11 9.43 22.24 -19.57
C GLN B 11 9.63 20.72 -19.73
N PHE B 12 9.56 20.00 -18.61
CA PHE B 12 9.69 18.55 -18.61
C PHE B 12 8.47 17.96 -17.92
N PHE B 13 7.99 16.83 -18.44
CA PHE B 13 6.82 16.17 -17.88
C PHE B 13 7.23 14.92 -17.12
N ILE B 14 6.28 14.28 -16.46
CA ILE B 14 6.56 13.12 -15.61
C ILE B 14 7.44 12.06 -16.28
N GLU B 15 7.17 11.77 -17.56
CA GLU B 15 7.93 10.78 -18.32
C GLU B 15 9.42 11.14 -18.45
N HIS B 16 9.71 12.42 -18.60
CA HIS B 16 11.10 12.91 -18.65
C HIS B 16 11.77 12.79 -17.29
N ILE B 17 11.04 13.22 -16.25
CA ILE B 17 11.50 13.15 -14.87
C ILE B 17 11.91 11.72 -14.49
N LEU B 18 11.06 10.77 -14.82
CA LEU B 18 11.29 9.34 -14.61
C LEU B 18 12.56 8.77 -15.25
N GLN B 19 12.95 9.33 -16.40
CA GLN B 19 14.17 8.96 -17.09
C GLN B 19 15.45 9.55 -16.46
N ILE B 20 15.30 10.61 -15.68
CA ILE B 20 16.46 11.27 -15.06
C ILE B 20 16.63 10.84 -13.59
N LEU B 21 15.55 10.88 -12.83
CA LEU B 21 15.60 10.55 -11.41
C LEU B 21 15.35 9.05 -11.23
N PRO B 22 16.12 8.39 -10.34
CA PRO B 22 15.90 6.98 -10.01
C PRO B 22 14.73 6.76 -9.04
N HIS B 23 14.27 7.83 -8.41
CA HIS B 23 13.13 7.80 -7.48
C HIS B 23 11.87 7.27 -8.14
N ARG B 24 11.17 6.40 -7.43
CA ARG B 24 9.90 5.84 -7.89
C ARG B 24 8.89 5.91 -6.75
N TYR B 25 7.65 5.50 -6.99
CA TYR B 25 6.61 5.46 -5.96
C TYR B 25 7.05 4.64 -4.73
N PRO B 26 6.79 5.14 -3.51
CA PRO B 26 6.12 6.41 -3.17
C PRO B 26 7.09 7.53 -2.77
N MET B 27 8.20 7.65 -3.49
CA MET B 27 9.22 8.64 -3.15
C MET B 27 9.66 9.55 -4.31
N LEU B 28 8.93 9.53 -5.42
CA LEU B 28 9.11 10.55 -6.47
C LEU B 28 8.13 11.69 -6.24
N LEU B 29 8.66 12.83 -5.80
CA LEU B 29 7.86 13.94 -5.30
C LEU B 29 7.94 15.22 -6.16
N VAL B 30 8.23 15.04 -7.45
CA VAL B 30 8.16 16.11 -8.46
C VAL B 30 7.32 15.61 -9.63
N ASP B 31 6.25 16.33 -9.98
CA ASP B 31 5.34 15.96 -11.08
C ASP B 31 5.67 16.63 -12.44
N ARG B 32 6.20 17.84 -12.39
CA ARG B 32 6.45 18.62 -13.61
C ARG B 32 7.47 19.72 -13.36
N ILE B 33 8.26 20.02 -14.40
CA ILE B 33 9.23 21.12 -14.37
C ILE B 33 8.79 22.18 -15.35
N THR B 34 8.52 23.39 -14.84
CA THR B 34 8.03 24.49 -15.67
C THR B 34 9.15 25.41 -16.18
N GLU B 35 10.25 25.47 -15.41
CA GLU B 35 11.38 26.32 -15.75
C GLU B 35 12.71 25.66 -15.41
N LEU B 36 13.71 25.90 -16.25
CA LEU B 36 15.07 25.39 -16.03
C LEU B 36 16.10 26.23 -16.80
N GLN B 37 16.98 26.89 -16.06
CA GLN B 37 18.09 27.64 -16.64
C GLN B 37 19.38 27.00 -16.16
N ALA B 38 20.15 26.43 -17.08
CA ALA B 38 21.37 25.71 -16.71
C ALA B 38 22.32 26.52 -15.81
N ASN B 39 22.84 25.87 -14.77
CA ASN B 39 23.71 26.47 -13.75
C ASN B 39 23.06 27.59 -12.92
N GLN B 40 21.77 27.84 -13.12
CA GLN B 40 21.09 29.01 -12.55
C GLN B 40 19.90 28.69 -11.64
N LYS B 41 18.80 28.22 -12.22
CA LYS B 41 17.58 27.98 -11.45
C LYS B 41 16.59 26.98 -12.05
N ILE B 42 15.74 26.47 -11.18
CA ILE B 42 14.67 25.56 -11.56
C ILE B 42 13.38 26.01 -10.88
N VAL B 43 12.27 25.85 -11.60
CA VAL B 43 10.95 25.95 -11.04
C VAL B 43 10.22 24.65 -11.42
N ALA B 44 9.82 23.89 -10.41
CA ALA B 44 9.11 22.64 -10.61
C ALA B 44 7.94 22.58 -9.63
N TYR B 45 7.06 21.61 -9.80
CA TYR B 45 6.01 21.41 -8.82
C TYR B 45 5.58 19.96 -8.61
N LYS B 46 4.91 19.75 -7.47
CA LYS B 46 4.22 18.53 -7.15
C LYS B 46 2.80 18.89 -6.74
N ASN B 47 1.84 18.15 -7.29
CA ASN B 47 0.45 18.29 -6.90
C ASN B 47 0.17 17.54 -5.60
N ILE B 48 -0.58 18.18 -4.70
CA ILE B 48 -0.97 17.56 -3.43
C ILE B 48 -2.43 17.16 -3.47
N THR B 49 -2.69 15.87 -3.33
CA THR B 49 -4.04 15.32 -3.37
C THR B 49 -4.30 14.48 -2.11
N PHE B 50 -5.56 14.33 -1.72
CA PHE B 50 -5.89 13.45 -0.61
C PHE B 50 -5.54 11.98 -0.91
N ASN B 51 -5.52 11.64 -2.19
CA ASN B 51 -5.28 10.28 -2.65
C ASN B 51 -3.81 9.83 -2.55
N GLU B 52 -3.13 10.26 -1.50
CA GLU B 52 -1.76 9.86 -1.24
C GLU B 52 -1.68 9.08 0.05
N ASP B 53 -0.88 8.01 0.04
CA ASP B 53 -0.75 7.11 1.18
C ASP B 53 -0.25 7.80 2.45
N VAL B 54 0.63 8.79 2.31
CA VAL B 54 1.13 9.61 3.46
C VAL B 54 0.02 10.11 4.36
N PHE B 55 -1.10 10.53 3.78
CA PHE B 55 -2.17 11.18 4.52
C PHE B 55 -2.94 10.24 5.46
N ASN B 56 -2.77 8.94 5.28
CA ASN B 56 -3.30 7.98 6.25
C ASN B 56 -2.75 8.19 7.66
N GLY B 57 -1.49 8.63 7.76
CA GLY B 57 -0.85 8.76 9.07
C GLY B 57 -0.35 10.15 9.43
N HIS B 58 -0.57 11.11 8.53
CA HIS B 58 -0.08 12.46 8.71
C HIS B 58 -1.12 13.51 8.26
N PHE B 59 -2.22 13.66 9.00
CA PHE B 59 -2.55 12.87 10.19
C PHE B 59 -3.98 12.38 10.01
N PRO B 60 -4.42 11.33 10.74
CA PRO B 60 -5.86 10.98 10.70
C PRO B 60 -6.76 12.18 11.03
N ASN B 61 -7.80 12.40 10.24
CA ASN B 61 -8.73 13.53 10.43
C ASN B 61 -8.12 14.94 10.23
N LYS B 62 -6.86 15.01 9.81
CA LYS B 62 -6.19 16.29 9.52
C LYS B 62 -5.01 16.10 8.55
N PRO B 63 -5.28 16.08 7.24
CA PRO B 63 -4.20 15.85 6.25
C PRO B 63 -3.24 17.03 6.06
N ILE B 64 -1.96 16.78 6.34
CA ILE B 64 -0.90 17.78 6.23
C ILE B 64 0.30 17.13 5.55
N PHE B 65 0.72 17.72 4.43
CA PHE B 65 1.88 17.20 3.71
C PHE B 65 3.13 17.40 4.57
N PRO B 66 3.84 16.30 4.90
CA PRO B 66 4.98 16.41 5.81
C PRO B 66 6.01 17.42 5.33
N GLY B 67 6.50 18.24 6.25
CA GLY B 67 7.54 19.23 5.94
C GLY B 67 8.82 18.63 5.40
N VAL B 68 9.21 17.47 5.92
CA VAL B 68 10.42 16.77 5.44
C VAL B 68 10.28 16.33 3.98
N LEU B 69 9.05 16.05 3.56
CA LEU B 69 8.78 15.65 2.18
C LEU B 69 8.73 16.84 1.23
N ILE B 70 8.42 18.03 1.78
CA ILE B 70 8.56 19.28 1.03
C ILE B 70 10.03 19.51 0.71
N VAL B 71 10.88 19.27 1.70
CA VAL B 71 12.33 19.39 1.60
C VAL B 71 12.90 18.35 0.62
N GLU B 72 12.39 17.13 0.68
CA GLU B 72 12.77 16.07 -0.25
C GLU B 72 12.44 16.47 -1.69
N GLY B 73 11.28 17.11 -1.89
CA GLY B 73 10.88 17.59 -3.20
C GLY B 73 11.77 18.70 -3.72
N MET B 74 12.24 19.57 -2.82
CA MET B 74 13.19 20.62 -3.17
C MET B 74 14.55 20.02 -3.55
N ALA B 75 14.99 19.04 -2.75
CA ALA B 75 16.21 18.26 -3.06
C ALA B 75 16.14 17.61 -4.44
N GLN B 76 15.05 16.90 -4.71
CA GLN B 76 14.85 16.25 -5.99
C GLN B 76 14.87 17.23 -7.16
N SER B 77 14.27 18.40 -6.94
CA SER B 77 14.32 19.49 -7.91
C SER B 77 15.75 20.04 -8.10
N GLY B 78 16.44 20.25 -6.98
CA GLY B 78 17.83 20.73 -7.00
C GLY B 78 18.78 19.76 -7.70
N GLY B 79 18.59 18.47 -7.45
CA GLY B 79 19.35 17.42 -8.12
C GLY B 79 19.09 17.35 -9.62
N PHE B 80 17.84 17.52 -10.02
CA PHE B 80 17.47 17.57 -11.43
C PHE B 80 18.15 18.76 -12.14
N LEU B 81 18.16 19.91 -11.47
CA LEU B 81 18.82 21.11 -11.97
C LEU B 81 20.32 20.88 -12.17
N ALA B 82 20.98 20.36 -11.13
CA ALA B 82 22.43 20.10 -11.19
C ALA B 82 22.79 19.06 -12.25
N PHE B 83 21.99 18.00 -12.36
CA PHE B 83 22.27 16.97 -13.36
C PHE B 83 22.12 17.50 -14.79
N THR B 84 20.98 18.11 -15.09
CA THR B 84 20.71 18.59 -16.44
C THR B 84 21.60 19.78 -16.83
N SER B 85 22.08 20.52 -15.83
CA SER B 85 23.02 21.61 -16.07
C SER B 85 24.30 21.07 -16.69
N LEU B 86 24.78 19.96 -16.15
CA LEU B 86 26.01 19.34 -16.59
C LEU B 86 25.86 18.49 -17.85
N TRP B 87 24.80 17.67 -17.90
CA TRP B 87 24.66 16.67 -18.95
C TRP B 87 23.38 16.78 -19.79
N GLY B 88 22.52 17.76 -19.49
CA GLY B 88 21.26 17.93 -20.20
C GLY B 88 20.32 16.75 -20.00
N PHE B 89 19.36 16.59 -20.90
CA PHE B 89 18.45 15.46 -20.85
C PHE B 89 19.10 14.18 -21.40
N ASP B 90 19.80 13.45 -20.54
CA ASP B 90 20.53 12.25 -20.93
C ASP B 90 20.21 11.04 -20.02
N PRO B 91 19.18 10.25 -20.39
CA PRO B 91 18.81 9.04 -19.67
C PRO B 91 19.95 8.04 -19.51
N GLU B 92 20.79 7.89 -20.53
CA GLU B 92 21.92 6.95 -20.48
C GLU B 92 22.90 7.29 -19.36
N ILE B 93 23.39 8.53 -19.33
CA ILE B 93 24.31 9.01 -18.28
C ILE B 93 23.63 9.05 -16.90
N ALA B 94 22.35 9.40 -16.87
CA ALA B 94 21.56 9.43 -15.63
C ALA B 94 21.69 8.13 -14.83
N LYS B 95 21.69 6.98 -15.52
CA LYS B 95 21.83 5.68 -14.87
C LYS B 95 23.22 5.42 -14.30
N THR B 96 24.21 6.20 -14.74
CA THR B 96 25.59 6.03 -14.30
C THR B 96 25.96 6.98 -13.15
N LYS B 97 25.02 7.85 -12.77
CA LYS B 97 25.30 8.84 -11.75
C LYS B 97 24.39 8.75 -10.52
N ILE B 98 24.94 9.18 -9.39
CA ILE B 98 24.21 9.29 -8.12
C ILE B 98 24.29 10.73 -7.62
N VAL B 99 23.15 11.30 -7.26
CA VAL B 99 23.12 12.60 -6.58
C VAL B 99 22.75 12.35 -5.12
N TYR B 100 23.74 12.45 -4.24
CA TYR B 100 23.47 12.27 -2.82
C TYR B 100 23.57 13.60 -2.08
N PHE B 101 22.62 13.83 -1.18
CA PHE B 101 22.61 15.04 -0.38
C PHE B 101 23.41 14.92 0.90
N MET B 102 24.40 15.81 1.03
CA MET B 102 25.32 15.83 2.15
C MET B 102 24.71 16.61 3.31
N THR B 103 24.24 17.81 3.00
CA THR B 103 23.73 18.71 4.02
C THR B 103 22.40 19.31 3.62
N ILE B 104 21.67 19.75 4.65
CA ILE B 104 20.47 20.57 4.52
C ILE B 104 20.60 21.61 5.63
N ASP B 105 20.22 22.85 5.35
CA ASP B 105 20.35 23.91 6.34
C ASP B 105 19.33 25.01 6.09
N LYS B 106 19.12 25.84 7.11
CA LYS B 106 18.28 27.04 7.01
C LYS B 106 16.85 26.72 6.61
N VAL B 107 16.33 25.62 7.13
CA VAL B 107 14.97 25.18 6.82
C VAL B 107 13.97 25.88 7.72
N LYS B 108 12.96 26.49 7.10
CA LYS B 108 11.87 27.12 7.83
C LYS B 108 10.54 26.71 7.21
N PHE B 109 9.61 26.26 8.04
CA PHE B 109 8.25 25.96 7.61
C PHE B 109 7.31 27.07 8.05
N ARG B 110 6.63 27.67 7.08
CA ARG B 110 5.80 28.86 7.36
C ARG B 110 4.31 28.57 7.29
N ILE B 111 3.89 27.81 6.28
CA ILE B 111 2.47 27.51 6.04
C ILE B 111 2.29 26.00 5.79
N PRO B 112 1.27 25.38 6.42
CA PRO B 112 0.97 23.96 6.17
C PRO B 112 0.47 23.72 4.75
N VAL B 113 0.93 22.62 4.14
CA VAL B 113 0.55 22.22 2.80
C VAL B 113 -0.49 21.09 2.90
N THR B 114 -1.60 21.24 2.18
CA THR B 114 -2.75 20.34 2.32
C THR B 114 -3.23 19.86 0.95
N PRO B 115 -4.01 18.75 0.90
CA PRO B 115 -4.61 18.33 -0.37
C PRO B 115 -5.29 19.49 -1.12
N GLY B 116 -5.03 19.58 -2.42
CA GLY B 116 -5.56 20.67 -3.25
C GLY B 116 -4.53 21.72 -3.60
N ASP B 117 -3.39 21.70 -2.91
CA ASP B 117 -2.28 22.61 -3.17
C ASP B 117 -1.40 22.14 -4.32
N ARG B 118 -0.97 23.11 -5.12
CA ARG B 118 0.09 22.91 -6.08
C ARG B 118 1.39 23.35 -5.41
N LEU B 119 2.20 22.37 -4.99
CA LEU B 119 3.44 22.67 -4.27
C LEU B 119 4.58 22.94 -5.25
N GLU B 120 4.91 24.22 -5.35
CA GLU B 120 5.86 24.72 -6.34
C GLU B 120 7.23 24.90 -5.71
N TYR B 121 8.26 24.32 -6.35
CA TYR B 121 9.64 24.40 -5.87
C TYR B 121 10.46 25.39 -6.69
N HIS B 122 11.03 26.40 -6.03
CA HIS B 122 11.92 27.36 -6.66
C HIS B 122 13.30 27.24 -6.02
N LEU B 123 14.26 26.71 -6.78
CA LEU B 123 15.63 26.54 -6.31
C LEU B 123 16.58 27.26 -7.26
N GLU B 124 17.58 27.93 -6.69
CA GLU B 124 18.68 28.50 -7.46
C GLU B 124 19.99 27.84 -7.05
N VAL B 125 20.96 27.86 -7.95
CA VAL B 125 22.32 27.44 -7.64
C VAL B 125 22.99 28.56 -6.85
N LEU B 126 23.30 28.31 -5.59
CA LEU B 126 23.98 29.30 -4.75
C LEU B 126 25.46 29.30 -5.10
N LYS B 127 26.05 28.10 -5.14
CA LYS B 127 27.39 27.89 -5.67
C LYS B 127 27.65 26.42 -6.03
N HIS B 128 28.64 26.21 -6.89
CA HIS B 128 29.05 24.88 -7.30
C HIS B 128 30.53 24.86 -7.67
N LYS B 129 31.19 23.76 -7.32
CA LYS B 129 32.59 23.55 -7.63
C LYS B 129 32.76 22.05 -7.87
N GLY B 130 33.07 21.69 -9.11
CA GLY B 130 33.18 20.27 -9.46
C GLY B 130 31.82 19.61 -9.39
N MET B 131 31.73 18.58 -8.55
CA MET B 131 30.53 17.74 -8.44
C MET B 131 29.73 18.10 -7.19
N ILE B 132 30.18 19.13 -6.48
CA ILE B 132 29.49 19.62 -5.28
C ILE B 132 28.67 20.86 -5.61
N TRP B 133 27.37 20.74 -5.39
CA TRP B 133 26.40 21.75 -5.81
C TRP B 133 25.53 22.19 -4.63
N GLN B 134 25.59 23.48 -4.32
CA GLN B 134 24.83 24.05 -3.22
C GLN B 134 23.66 24.81 -3.82
N VAL B 135 22.45 24.33 -3.56
CA VAL B 135 21.23 24.96 -4.06
C VAL B 135 20.40 25.51 -2.89
N GLY B 136 19.53 26.46 -3.17
CA GLY B 136 18.67 27.03 -2.13
C GLY B 136 17.45 27.71 -2.73
N GLY B 137 16.44 27.93 -1.91
CA GLY B 137 15.23 28.59 -2.38
C GLY B 137 14.05 28.32 -1.48
N THR B 138 12.88 28.22 -2.10
CA THR B 138 11.61 28.15 -1.39
C THR B 138 10.64 27.14 -2.00
N ALA B 139 9.66 26.75 -1.20
CA ALA B 139 8.50 26.03 -1.68
C ALA B 139 7.33 27.02 -1.57
N GLN B 140 6.48 27.04 -2.59
CA GLN B 140 5.45 28.06 -2.69
C GLN B 140 4.11 27.46 -3.05
N VAL B 141 3.07 27.99 -2.44
CA VAL B 141 1.70 27.64 -2.80
C VAL B 141 0.95 28.93 -3.10
N ASP B 142 0.50 29.07 -4.34
CA ASP B 142 -0.27 30.23 -4.78
C ASP B 142 0.42 31.58 -4.45
N GLY B 143 1.71 31.66 -4.75
CA GLY B 143 2.47 32.88 -4.56
C GLY B 143 3.09 33.13 -3.19
N LYS B 144 2.69 32.35 -2.19
CA LYS B 144 3.24 32.52 -0.84
C LYS B 144 4.30 31.48 -0.54
N VAL B 145 5.33 31.91 0.19
CA VAL B 145 6.38 31.01 0.66
C VAL B 145 5.84 30.14 1.79
N VAL B 146 5.84 28.82 1.58
CA VAL B 146 5.39 27.87 2.60
C VAL B 146 6.57 27.23 3.33
N ALA B 147 7.72 27.19 2.66
CA ALA B 147 8.96 26.68 3.24
C ALA B 147 10.18 27.25 2.51
N GLU B 148 11.33 27.17 3.17
CA GLU B 148 12.59 27.54 2.56
C GLU B 148 13.67 26.60 3.07
N ALA B 149 14.73 26.41 2.28
CA ALA B 149 15.80 25.49 2.63
C ALA B 149 17.03 25.73 1.76
N GLU B 150 18.20 25.40 2.31
CA GLU B 150 19.43 25.33 1.54
C GLU B 150 19.93 23.89 1.59
N LEU B 151 20.48 23.42 0.47
CA LEU B 151 20.87 22.03 0.33
C LEU B 151 22.18 21.93 -0.44
N LYS B 152 23.01 20.97 -0.07
CA LYS B 152 24.28 20.72 -0.74
C LYS B 152 24.37 19.28 -1.20
N ALA B 153 24.61 19.08 -2.50
CA ALA B 153 24.64 17.77 -3.10
C ALA B 153 26.03 17.43 -3.66
N MET B 154 26.36 16.15 -3.65
CA MET B 154 27.51 15.66 -4.38
C MET B 154 27.06 14.67 -5.46
N ILE B 155 27.49 14.93 -6.69
CA ILE B 155 27.24 14.01 -7.80
C ILE B 155 28.39 13.02 -7.91
N ALA B 156 28.05 11.74 -7.88
CA ALA B 156 29.05 10.68 -7.90
C ALA B 156 28.71 9.65 -8.95
N GLU B 157 29.68 8.79 -9.25
CA GLU B 157 29.50 7.67 -10.16
C GLU B 157 28.72 6.55 -9.47
N ARG B 158 27.66 6.08 -10.13
CA ARG B 158 26.93 4.92 -9.67
C ARG B 158 27.68 3.64 -10.04
N GLU B 159 27.61 2.65 -9.15
CA GLU B 159 28.13 1.31 -9.46
C GLU B 159 26.97 0.30 -9.47
N GLN C 9 -26.90 -18.19 13.61
CA GLN C 9 -27.00 -18.16 12.13
C GLN C 9 -26.19 -19.31 11.51
N SER C 10 -26.35 -19.52 10.20
CA SER C 10 -25.61 -20.54 9.46
C SER C 10 -24.62 -19.92 8.45
N GLN C 11 -25.09 -18.89 7.75
CA GLN C 11 -24.27 -18.14 6.80
C GLN C 11 -23.96 -16.74 7.32
N PHE C 12 -22.68 -16.38 7.30
CA PHE C 12 -22.21 -15.07 7.76
C PHE C 12 -21.44 -14.38 6.63
N PHE C 13 -21.76 -13.11 6.40
CA PHE C 13 -21.11 -12.33 5.37
C PHE C 13 -19.99 -11.47 5.96
N ILE C 14 -19.28 -10.75 5.11
CA ILE C 14 -18.12 -9.97 5.53
C ILE C 14 -18.47 -8.97 6.65
N GLU C 15 -19.66 -8.38 6.55
CA GLU C 15 -20.21 -7.48 7.57
C GLU C 15 -20.19 -8.11 8.97
N HIS C 16 -20.58 -9.38 9.06
CA HIS C 16 -20.65 -10.12 10.31
C HIS C 16 -19.29 -10.60 10.80
N ILE C 17 -18.42 -10.99 9.85
CA ILE C 17 -17.05 -11.44 10.14
C ILE C 17 -16.23 -10.30 10.74
N LEU C 18 -16.45 -9.09 10.22
CA LEU C 18 -15.77 -7.89 10.70
C LEU C 18 -16.12 -7.54 12.16
N GLN C 19 -17.28 -7.98 12.61
CA GLN C 19 -17.74 -7.67 13.96
C GLN C 19 -17.30 -8.73 14.99
N ILE C 20 -16.82 -9.88 14.51
CA ILE C 20 -16.37 -10.95 15.40
C ILE C 20 -14.85 -11.05 15.50
N LEU C 21 -14.19 -11.05 14.35
CA LEU C 21 -12.73 -11.06 14.28
C LEU C 21 -12.17 -9.63 14.40
N PRO C 22 -11.05 -9.47 15.14
CA PRO C 22 -10.36 -8.17 15.20
C PRO C 22 -9.50 -7.87 13.96
N HIS C 23 -9.21 -8.91 13.17
CA HIS C 23 -8.41 -8.82 11.96
C HIS C 23 -8.98 -7.80 10.96
N ARG C 24 -8.07 -7.06 10.35
CA ARG C 24 -8.43 -6.02 9.38
C ARG C 24 -7.45 -6.09 8.20
N TYR C 25 -7.68 -5.28 7.17
CA TYR C 25 -6.77 -5.21 6.01
C TYR C 25 -5.33 -4.89 6.44
N PRO C 26 -4.33 -5.61 5.90
CA PRO C 26 -4.34 -6.72 4.95
C PRO C 26 -4.24 -8.14 5.56
N MET C 27 -4.90 -8.36 6.70
CA MET C 27 -4.75 -9.64 7.41
C MET C 27 -6.07 -10.33 7.74
N LEU C 28 -7.17 -9.82 7.20
CA LEU C 28 -8.45 -10.52 7.27
C LEU C 28 -8.63 -11.41 6.03
N LEU C 29 -8.55 -12.72 6.27
CA LEU C 29 -8.42 -13.71 5.20
C LEU C 29 -9.58 -14.69 5.13
N VAL C 30 -10.76 -14.24 5.57
CA VAL C 30 -12.01 -14.97 5.43
C VAL C 30 -13.06 -13.97 4.91
N ASP C 31 -13.68 -14.30 3.78
CA ASP C 31 -14.67 -13.41 3.13
C ASP C 31 -16.13 -13.72 3.45
N ARG C 32 -16.43 -15.00 3.62
CA ARG C 32 -17.79 -15.47 3.84
C ARG C 32 -17.81 -16.84 4.52
N ILE C 33 -18.76 -17.04 5.44
CA ILE C 33 -18.94 -18.31 6.14
C ILE C 33 -20.21 -18.95 5.58
N THR C 34 -20.08 -20.13 4.99
CA THR C 34 -21.22 -20.81 4.37
C THR C 34 -21.90 -21.87 5.27
N GLU C 35 -21.14 -22.43 6.20
CA GLU C 35 -21.65 -23.46 7.13
C GLU C 35 -21.07 -23.30 8.52
N LEU C 36 -21.91 -23.43 9.53
CA LEU C 36 -21.46 -23.37 10.91
C LEU C 36 -22.29 -24.29 11.83
N GLN C 37 -21.62 -25.27 12.42
CA GLN C 37 -22.25 -26.14 13.43
C GLN C 37 -21.49 -25.97 14.74
N ALA C 38 -22.13 -25.30 15.69
CA ALA C 38 -21.54 -25.03 16.99
C ALA C 38 -20.89 -26.27 17.58
N ASN C 39 -19.65 -26.10 18.06
CA ASN C 39 -18.84 -27.15 18.68
C ASN C 39 -18.38 -28.27 17.73
N GLN C 40 -18.71 -28.15 16.45
CA GLN C 40 -18.43 -29.21 15.50
C GLN C 40 -17.58 -28.77 14.31
N LYS C 41 -18.11 -27.90 13.46
CA LYS C 41 -17.44 -27.58 12.20
C LYS C 41 -17.82 -26.25 11.55
N ILE C 42 -16.88 -25.74 10.74
CA ILE C 42 -17.09 -24.54 9.94
C ILE C 42 -16.67 -24.78 8.49
N VAL C 43 -17.46 -24.26 7.56
CA VAL C 43 -17.02 -24.13 6.17
C VAL C 43 -17.07 -22.65 5.82
N ALA C 44 -15.92 -22.12 5.42
CA ALA C 44 -15.80 -20.71 5.08
C ALA C 44 -14.95 -20.61 3.82
N TYR C 45 -14.83 -19.40 3.26
CA TYR C 45 -13.93 -19.20 2.14
C TYR C 45 -13.40 -17.79 1.98
N LYS C 46 -12.28 -17.70 1.27
CA LYS C 46 -11.68 -16.46 0.85
C LYS C 46 -11.47 -16.54 -0.65
N ASN C 47 -11.93 -15.51 -1.37
CA ASN C 47 -11.64 -15.38 -2.79
C ASN C 47 -10.19 -14.96 -3.02
N ILE C 48 -9.55 -15.58 -4.01
CA ILE C 48 -8.18 -15.26 -4.38
C ILE C 48 -8.18 -14.46 -5.70
N THR C 49 -7.68 -13.24 -5.64
CA THR C 49 -7.65 -12.36 -6.80
C THR C 49 -6.25 -11.79 -7.00
N PHE C 50 -5.89 -11.44 -8.23
CA PHE C 50 -4.58 -10.84 -8.49
C PHE C 50 -4.44 -9.48 -7.78
N ASN C 51 -5.56 -8.80 -7.58
CA ASN C 51 -5.61 -7.47 -6.99
C ASN C 51 -5.35 -7.46 -5.47
N GLU C 52 -4.44 -8.32 -5.03
CA GLU C 52 -4.03 -8.37 -3.64
C GLU C 52 -2.56 -8.01 -3.57
N ASP C 53 -2.20 -7.18 -2.59
CA ASP C 53 -0.84 -6.65 -2.46
C ASP C 53 0.23 -7.76 -2.34
N VAL C 54 -0.06 -8.82 -1.59
CA VAL C 54 0.88 -9.97 -1.45
C VAL C 54 1.43 -10.51 -2.78
N PHE C 55 0.63 -10.42 -3.84
CA PHE C 55 1.06 -10.93 -5.15
C PHE C 55 2.16 -10.09 -5.82
N ASN C 56 2.34 -8.85 -5.37
CA ASN C 56 3.47 -8.04 -5.82
C ASN C 56 4.81 -8.71 -5.55
N GLY C 57 4.88 -9.54 -4.51
CA GLY C 57 6.13 -10.14 -4.11
C GLY C 57 6.18 -11.65 -4.00
N HIS C 58 5.06 -12.29 -4.32
CA HIS C 58 4.96 -13.74 -4.16
C HIS C 58 4.22 -14.40 -5.32
N PHE C 59 4.84 -14.49 -6.50
CA PHE C 59 6.15 -13.94 -6.84
C PHE C 59 5.96 -13.08 -8.08
N PRO C 60 6.88 -12.12 -8.33
CA PRO C 60 6.83 -11.38 -9.61
C PRO C 60 6.69 -12.32 -10.82
N ASN C 61 5.74 -12.02 -11.71
CA ASN C 61 5.41 -12.88 -12.86
C ASN C 61 4.88 -14.30 -12.55
N LYS C 62 4.74 -14.64 -11.27
CA LYS C 62 4.20 -15.94 -10.87
C LYS C 62 3.35 -15.86 -9.59
N PRO C 63 2.10 -15.36 -9.72
CA PRO C 63 1.26 -15.17 -8.54
C PRO C 63 0.81 -16.48 -7.87
N ILE C 64 1.33 -16.74 -6.68
CA ILE C 64 1.02 -17.93 -5.90
C ILE C 64 0.66 -17.48 -4.50
N PHE C 65 -0.57 -17.79 -4.06
CA PHE C 65 -1.01 -17.45 -2.71
C PHE C 65 -0.13 -18.16 -1.68
N PRO C 66 0.50 -17.39 -0.78
CA PRO C 66 1.41 -17.97 0.22
C PRO C 66 0.73 -19.08 1.02
N GLY C 67 1.43 -20.21 1.19
CA GLY C 67 0.95 -21.33 1.97
C GLY C 67 0.65 -20.96 3.40
N VAL C 68 1.53 -20.15 4.00
CA VAL C 68 1.33 -19.69 5.38
C VAL C 68 0.02 -18.89 5.58
N LEU C 69 -0.44 -18.22 4.53
CA LEU C 69 -1.70 -17.45 4.60
C LEU C 69 -2.94 -18.32 4.44
N ILE C 70 -2.79 -19.44 3.74
CA ILE C 70 -3.80 -20.51 3.75
C ILE C 70 -3.99 -20.98 5.19
N VAL C 71 -2.89 -21.35 5.84
CA VAL C 71 -2.91 -21.77 7.25
C VAL C 71 -3.52 -20.69 8.14
N GLU C 72 -3.19 -19.42 7.86
CA GLU C 72 -3.73 -18.29 8.61
C GLU C 72 -5.25 -18.16 8.45
N GLY C 73 -5.74 -18.30 7.21
CA GLY C 73 -7.18 -18.26 6.94
C GLY C 73 -7.93 -19.41 7.61
N MET C 74 -7.26 -20.56 7.70
CA MET C 74 -7.76 -21.73 8.44
C MET C 74 -7.85 -21.46 9.94
N ALA C 75 -6.84 -20.77 10.48
CA ALA C 75 -6.84 -20.36 11.88
C ALA C 75 -7.97 -19.36 12.17
N GLN C 76 -8.17 -18.40 11.27
CA GLN C 76 -9.23 -17.41 11.44
C GLN C 76 -10.63 -18.04 11.42
N SER C 77 -10.82 -19.05 10.58
CA SER C 77 -12.07 -19.82 10.51
C SER C 77 -12.28 -20.67 11.77
N GLY C 78 -11.22 -21.30 12.25
CA GLY C 78 -11.24 -22.02 13.53
C GLY C 78 -11.61 -21.11 14.70
N GLY C 79 -11.00 -19.93 14.74
CA GLY C 79 -11.29 -18.93 15.75
C GLY C 79 -12.72 -18.45 15.75
N PHE C 80 -13.26 -18.17 14.56
CA PHE C 80 -14.67 -17.81 14.41
C PHE C 80 -15.58 -18.94 14.90
N LEU C 81 -15.24 -20.18 14.58
CA LEU C 81 -16.00 -21.35 15.04
C LEU C 81 -16.00 -21.43 16.57
N ALA C 82 -14.80 -21.36 17.16
CA ALA C 82 -14.64 -21.37 18.61
C ALA C 82 -15.45 -20.26 19.27
N PHE C 83 -15.20 -19.00 18.89
CA PHE C 83 -15.92 -17.88 19.50
C PHE C 83 -17.45 -18.02 19.41
N THR C 84 -17.96 -18.29 18.22
CA THR C 84 -19.42 -18.45 18.02
C THR C 84 -20.00 -19.66 18.76
N SER C 85 -19.18 -20.71 18.95
CA SER C 85 -19.59 -21.85 19.77
C SER C 85 -19.82 -21.45 21.23
N LEU C 86 -18.96 -20.59 21.74
CA LEU C 86 -19.05 -20.10 23.11
C LEU C 86 -20.13 -19.04 23.34
N TRP C 87 -20.24 -18.08 22.43
CA TRP C 87 -21.10 -16.89 22.63
C TRP C 87 -22.07 -16.57 21.50
N GLY C 88 -22.01 -17.34 20.42
CA GLY C 88 -22.78 -17.02 19.22
C GLY C 88 -22.36 -15.71 18.59
N PHE C 89 -23.21 -15.15 17.74
CA PHE C 89 -22.93 -13.86 17.11
C PHE C 89 -23.06 -12.71 18.13
N ASP C 90 -21.96 -12.40 18.81
CA ASP C 90 -21.97 -11.36 19.83
C ASP C 90 -20.79 -10.39 19.65
N PRO C 91 -20.98 -9.32 18.84
CA PRO C 91 -19.92 -8.32 18.58
C PRO C 91 -19.37 -7.62 19.83
N GLU C 92 -20.20 -7.43 20.84
CA GLU C 92 -19.83 -6.78 22.09
C GLU C 92 -18.86 -7.62 22.94
N ILE C 93 -19.13 -8.92 23.03
CA ILE C 93 -18.25 -9.86 23.73
C ILE C 93 -17.00 -10.11 22.89
N ALA C 94 -17.14 -10.08 21.56
CA ALA C 94 -16.03 -10.27 20.64
C ALA C 94 -14.87 -9.31 20.93
N LYS C 95 -15.20 -8.06 21.23
CA LYS C 95 -14.22 -7.03 21.57
C LYS C 95 -13.41 -7.30 22.83
N THR C 96 -13.90 -8.19 23.70
CA THR C 96 -13.27 -8.48 25.00
C THR C 96 -12.44 -9.78 25.00
N LYS C 97 -12.41 -10.47 23.86
CA LYS C 97 -11.78 -11.79 23.76
C LYS C 97 -10.58 -11.79 22.84
N ILE C 98 -9.58 -12.60 23.18
CA ILE C 98 -8.47 -12.90 22.26
C ILE C 98 -8.38 -14.41 22.03
N VAL C 99 -8.11 -14.81 20.79
CA VAL C 99 -7.82 -16.21 20.48
C VAL C 99 -6.33 -16.34 20.13
N TYR C 100 -5.54 -16.87 21.08
CA TYR C 100 -4.09 -17.03 20.90
C TYR C 100 -3.77 -18.41 20.33
N PHE C 101 -3.27 -18.45 19.09
CA PHE C 101 -2.83 -19.72 18.50
C PHE C 101 -1.46 -20.13 19.01
N MET C 102 -1.40 -21.31 19.59
CA MET C 102 -0.22 -21.79 20.29
C MET C 102 0.66 -22.68 19.43
N THR C 103 0.03 -23.59 18.69
CA THR C 103 0.74 -24.55 17.84
C THR C 103 0.08 -24.76 16.47
N ILE C 104 0.88 -25.23 15.52
CA ILE C 104 0.42 -25.65 14.20
C ILE C 104 1.19 -26.92 13.85
N ASP C 105 0.48 -27.98 13.48
CA ASP C 105 1.10 -29.27 13.16
C ASP C 105 0.46 -29.91 11.93
N LYS C 106 1.16 -30.88 11.35
CA LYS C 106 0.65 -31.76 10.28
C LYS C 106 0.10 -31.00 9.08
N VAL C 107 0.79 -29.95 8.68
CA VAL C 107 0.37 -29.19 7.52
C VAL C 107 1.08 -29.65 6.25
N LYS C 108 0.29 -29.87 5.20
CA LYS C 108 0.80 -30.32 3.92
C LYS C 108 0.16 -29.51 2.80
N PHE C 109 0.97 -29.11 1.83
CA PHE C 109 0.48 -28.38 0.66
C PHE C 109 0.57 -29.26 -0.58
N ARG C 110 -0.59 -29.51 -1.19
CA ARG C 110 -0.65 -30.43 -2.31
C ARG C 110 -0.73 -29.71 -3.65
N ILE C 111 -1.55 -28.66 -3.73
CA ILE C 111 -1.78 -27.89 -4.96
C ILE C 111 -1.62 -26.38 -4.67
N PRO C 112 -0.83 -25.66 -5.50
CA PRO C 112 -0.72 -24.21 -5.34
C PRO C 112 -2.04 -23.49 -5.55
N VAL C 113 -2.19 -22.35 -4.87
CA VAL C 113 -3.39 -21.51 -4.93
C VAL C 113 -3.04 -20.25 -5.71
N THR C 114 -3.91 -19.86 -6.64
CA THR C 114 -3.60 -18.79 -7.59
C THR C 114 -4.80 -17.86 -7.74
N PRO C 115 -4.59 -16.63 -8.26
CA PRO C 115 -5.71 -15.73 -8.59
C PRO C 115 -6.81 -16.43 -9.40
N GLY C 116 -8.06 -16.26 -8.98
CA GLY C 116 -9.20 -16.94 -9.60
C GLY C 116 -9.70 -18.15 -8.82
N ASP C 117 -8.96 -18.56 -7.79
CA ASP C 117 -9.38 -19.66 -6.93
C ASP C 117 -10.33 -19.18 -5.82
N ARG C 118 -11.31 -20.01 -5.52
CA ARG C 118 -12.16 -19.84 -4.35
C ARG C 118 -11.61 -20.76 -3.27
N LEU C 119 -10.92 -20.17 -2.28
CA LEU C 119 -10.21 -20.97 -1.28
C LEU C 119 -11.11 -21.29 -0.11
N GLU C 120 -11.52 -22.56 -0.03
CA GLU C 120 -12.51 -23.01 0.94
C GLU C 120 -11.85 -23.69 2.14
N TYR C 121 -12.13 -23.15 3.33
CA TYR C 121 -11.61 -23.71 4.57
C TYR C 121 -12.61 -24.66 5.22
N HIS C 122 -12.18 -25.88 5.47
CA HIS C 122 -12.99 -26.88 6.16
C HIS C 122 -12.31 -27.24 7.46
N LEU C 123 -12.89 -26.79 8.57
CA LEU C 123 -12.32 -27.06 9.90
C LEU C 123 -13.31 -27.72 10.83
N GLU C 124 -12.83 -28.65 11.64
CA GLU C 124 -13.65 -29.33 12.63
C GLU C 124 -12.99 -29.26 14.02
N VAL C 125 -13.81 -29.24 15.07
CA VAL C 125 -13.27 -29.29 16.43
C VAL C 125 -12.74 -30.70 16.71
N LEU C 126 -11.44 -30.78 16.97
CA LEU C 126 -10.79 -32.04 17.28
C LEU C 126 -10.80 -32.31 18.78
N LYS C 127 -10.74 -31.26 19.57
CA LYS C 127 -10.69 -31.35 21.01
C LYS C 127 -10.97 -29.99 21.62
N HIS C 128 -11.85 -29.96 22.63
CA HIS C 128 -12.09 -28.75 23.40
C HIS C 128 -12.11 -29.05 24.91
N LYS C 129 -11.06 -28.58 25.60
CA LYS C 129 -10.95 -28.74 27.04
C LYS C 129 -10.69 -27.39 27.69
N GLY C 130 -11.74 -26.80 28.28
CA GLY C 130 -11.62 -25.51 28.95
C GLY C 130 -11.37 -24.38 27.97
N MET C 131 -10.25 -23.68 28.17
CA MET C 131 -9.88 -22.54 27.32
C MET C 131 -9.18 -22.96 26.02
N ILE C 132 -8.78 -24.23 25.93
CA ILE C 132 -7.99 -24.75 24.82
C ILE C 132 -8.87 -25.37 23.72
N TRP C 133 -8.69 -24.88 22.50
CA TRP C 133 -9.41 -25.40 21.34
C TRP C 133 -8.42 -25.96 20.33
N GLN C 134 -8.60 -27.25 20.03
CA GLN C 134 -7.80 -27.93 19.02
C GLN C 134 -8.69 -28.20 17.79
N VAL C 135 -8.31 -27.61 16.66
CA VAL C 135 -9.10 -27.68 15.42
C VAL C 135 -8.23 -28.18 14.27
N GLY C 136 -8.85 -28.80 13.26
CA GLY C 136 -8.08 -29.31 12.13
C GLY C 136 -8.96 -29.55 10.92
N GLY C 137 -8.33 -29.62 9.76
CA GLY C 137 -9.07 -29.87 8.52
C GLY C 137 -8.31 -29.51 7.28
N THR C 138 -9.03 -29.02 6.28
CA THR C 138 -8.43 -28.80 4.97
C THR C 138 -8.80 -27.45 4.35
N ALA C 139 -8.00 -27.06 3.35
CA ALA C 139 -8.37 -26.01 2.43
C ALA C 139 -8.60 -26.68 1.09
N GLN C 140 -9.66 -26.26 0.41
CA GLN C 140 -10.07 -26.89 -0.84
C GLN C 140 -10.33 -25.85 -1.91
N VAL C 141 -10.01 -26.22 -3.15
CA VAL C 141 -10.38 -25.43 -4.31
C VAL C 141 -11.08 -26.37 -5.28
N ASP C 142 -12.32 -26.03 -5.65
CA ASP C 142 -13.13 -26.83 -6.59
C ASP C 142 -13.27 -28.31 -6.17
N GLY C 143 -13.44 -28.54 -4.87
CA GLY C 143 -13.61 -29.91 -4.36
C GLY C 143 -12.33 -30.67 -4.06
N LYS C 144 -11.19 -30.18 -4.55
CA LYS C 144 -9.89 -30.84 -4.29
C LYS C 144 -9.20 -30.25 -3.07
N VAL C 145 -8.56 -31.12 -2.28
CA VAL C 145 -7.75 -30.72 -1.14
C VAL C 145 -6.41 -30.11 -1.59
N VAL C 146 -6.20 -28.83 -1.27
CA VAL C 146 -4.97 -28.11 -1.63
C VAL C 146 -4.01 -28.00 -0.44
N ALA C 147 -4.57 -28.09 0.76
CA ALA C 147 -3.79 -28.01 2.00
C ALA C 147 -4.52 -28.72 3.15
N GLU C 148 -3.74 -29.15 4.14
CA GLU C 148 -4.30 -29.62 5.40
C GLU C 148 -3.44 -29.10 6.54
N ALA C 149 -4.02 -29.03 7.74
CA ALA C 149 -3.35 -28.48 8.91
C ALA C 149 -4.14 -28.81 10.16
N GLU C 150 -3.43 -28.94 11.28
CA GLU C 150 -4.02 -28.97 12.61
C GLU C 150 -3.52 -27.77 13.41
N LEU C 151 -4.39 -27.21 14.24
CA LEU C 151 -4.09 -26.00 14.99
C LEU C 151 -4.65 -26.06 16.40
N LYS C 152 -3.94 -25.43 17.33
CA LYS C 152 -4.39 -25.34 18.72
C LYS C 152 -4.38 -23.88 19.19
N ALA C 153 -5.47 -23.48 19.82
CA ALA C 153 -5.66 -22.10 20.27
C ALA C 153 -6.11 -22.06 21.72
N MET C 154 -5.87 -20.93 22.37
CA MET C 154 -6.37 -20.67 23.71
C MET C 154 -7.29 -19.45 23.70
N ILE C 155 -8.45 -19.58 24.34
CA ILE C 155 -9.36 -18.45 24.55
C ILE C 155 -8.91 -17.70 25.80
N ALA C 156 -8.82 -16.39 25.69
CA ALA C 156 -8.39 -15.54 26.80
C ALA C 156 -9.09 -14.20 26.76
N GLU C 157 -8.94 -13.43 27.84
CA GLU C 157 -9.48 -12.09 27.93
C GLU C 157 -8.56 -11.05 27.28
N ARG C 158 -9.15 -10.07 26.60
CA ARG C 158 -8.40 -8.94 26.06
C ARG C 158 -7.98 -7.99 27.19
N LEU D 8 32.59 -18.62 -0.64
CA LEU D 8 31.22 -18.21 -0.18
C LEU D 8 31.27 -17.61 1.23
N GLN D 9 30.96 -16.32 1.33
CA GLN D 9 31.03 -15.57 2.59
C GLN D 9 30.01 -16.05 3.63
N SER D 10 30.08 -15.48 4.84
CA SER D 10 29.20 -15.88 5.93
C SER D 10 28.14 -14.80 6.22
N GLN D 11 28.43 -13.57 5.83
CA GLN D 11 27.48 -12.46 6.00
C GLN D 11 26.98 -11.90 4.66
N PHE D 12 25.66 -11.77 4.55
CA PHE D 12 25.03 -11.25 3.34
C PHE D 12 24.01 -10.19 3.72
N PHE D 13 23.94 -9.15 2.89
CA PHE D 13 23.08 -8.02 3.14
C PHE D 13 21.90 -8.03 2.18
N ILE D 14 20.93 -7.15 2.41
CA ILE D 14 19.71 -7.10 1.61
C ILE D 14 19.95 -7.15 0.07
N GLU D 15 20.99 -6.48 -0.42
CA GLU D 15 21.30 -6.47 -1.86
C GLU D 15 21.61 -7.87 -2.40
N HIS D 16 22.22 -8.70 -1.56
CA HIS D 16 22.56 -10.08 -1.90
C HIS D 16 21.35 -11.00 -1.83
N ILE D 17 20.58 -10.88 -0.75
CA ILE D 17 19.32 -11.61 -0.58
C ILE D 17 18.38 -11.36 -1.76
N LEU D 18 18.31 -10.10 -2.18
CA LEU D 18 17.50 -9.66 -3.32
C LEU D 18 17.89 -10.37 -4.63
N GLN D 19 19.18 -10.68 -4.77
CA GLN D 19 19.73 -11.35 -5.95
C GLN D 19 19.59 -12.87 -5.89
N ILE D 20 19.28 -13.42 -4.71
CA ILE D 20 19.14 -14.86 -4.51
C ILE D 20 17.69 -15.32 -4.36
N LEU D 21 16.95 -14.67 -3.45
CA LEU D 21 15.54 -15.03 -3.21
C LEU D 21 14.63 -14.36 -4.23
N PRO D 22 13.59 -15.09 -4.71
CA PRO D 22 12.60 -14.53 -5.63
C PRO D 22 11.54 -13.66 -4.95
N HIS D 23 11.51 -13.68 -3.62
CA HIS D 23 10.53 -12.92 -2.83
C HIS D 23 10.76 -11.43 -2.96
N ARG D 24 9.66 -10.68 -3.05
CA ARG D 24 9.71 -9.22 -3.09
C ARG D 24 8.67 -8.64 -2.12
N TYR D 25 8.66 -7.31 -2.00
CA TYR D 25 7.69 -6.62 -1.14
C TYR D 25 6.27 -6.98 -1.57
N PRO D 26 5.36 -7.27 -0.61
CA PRO D 26 5.52 -7.33 0.83
C PRO D 26 5.71 -8.74 1.40
N MET D 27 6.53 -9.56 0.74
CA MET D 27 6.75 -10.96 1.15
C MET D 27 8.21 -11.37 1.26
N LEU D 28 9.13 -10.42 1.20
CA LEU D 28 10.52 -10.69 1.51
C LEU D 28 10.75 -10.33 2.96
N LEU D 29 10.93 -11.35 3.80
CA LEU D 29 10.87 -11.21 5.24
C LEU D 29 12.18 -11.58 5.92
N VAL D 30 13.28 -11.43 5.17
CA VAL D 30 14.62 -11.60 5.72
C VAL D 30 15.40 -10.37 5.29
N ASP D 31 16.08 -9.72 6.24
CA ASP D 31 16.78 -8.46 5.97
C ASP D 31 18.27 -8.64 5.81
N ARG D 32 18.83 -9.62 6.52
CA ARG D 32 20.28 -9.80 6.60
C ARG D 32 20.64 -11.21 7.05
N ILE D 33 21.72 -11.77 6.51
CA ILE D 33 22.27 -13.06 6.93
C ILE D 33 23.53 -12.84 7.76
N THR D 34 23.59 -13.44 8.95
CA THR D 34 24.74 -13.20 9.84
C THR D 34 25.72 -14.38 9.87
N GLU D 35 25.19 -15.58 9.70
CA GLU D 35 26.00 -16.81 9.75
C GLU D 35 25.44 -17.82 8.75
N LEU D 36 26.34 -18.47 8.01
CA LEU D 36 25.94 -19.43 7.00
C LEU D 36 26.96 -20.58 6.85
N GLN D 37 26.47 -21.81 6.96
CA GLN D 37 27.28 -23.02 6.76
C GLN D 37 26.62 -23.90 5.72
N ALA D 38 27.24 -23.98 4.54
CA ALA D 38 26.67 -24.75 3.43
C ALA D 38 26.17 -26.14 3.86
N ASN D 39 24.92 -26.44 3.50
CA ASN D 39 24.27 -27.75 3.76
C ASN D 39 23.98 -28.07 5.23
N GLN D 40 24.18 -27.10 6.12
CA GLN D 40 24.11 -27.37 7.56
C GLN D 40 23.23 -26.40 8.33
N LYS D 41 23.60 -25.12 8.34
CA LYS D 41 22.88 -24.15 9.16
C LYS D 41 22.93 -22.69 8.68
N ILE D 42 21.97 -21.90 9.17
CA ILE D 42 21.91 -20.47 8.85
C ILE D 42 21.33 -19.69 10.02
N VAL D 43 21.97 -18.55 10.29
CA VAL D 43 21.42 -17.55 11.19
C VAL D 43 21.20 -16.27 10.37
N ALA D 44 19.96 -15.79 10.36
CA ALA D 44 19.58 -14.58 9.65
C ALA D 44 18.65 -13.78 10.56
N TYR D 45 18.23 -12.60 10.11
CA TYR D 45 17.21 -11.86 10.85
C TYR D 45 16.35 -10.94 9.99
N LYS D 46 15.19 -10.57 10.55
CA LYS D 46 14.34 -9.53 10.01
C LYS D 46 14.04 -8.54 11.12
N ASN D 47 14.25 -7.26 10.84
CA ASN D 47 13.86 -6.18 11.76
C ASN D 47 12.35 -5.98 11.74
N ILE D 48 11.76 -5.76 12.91
CA ILE D 48 10.32 -5.54 13.04
C ILE D 48 10.07 -4.07 13.37
N THR D 49 9.31 -3.40 12.49
CA THR D 49 9.01 -1.98 12.66
C THR D 49 7.51 -1.76 12.56
N PHE D 50 7.01 -0.73 13.24
CA PHE D 50 5.61 -0.33 13.09
C PHE D 50 5.28 0.03 11.64
N ASN D 51 6.29 0.53 10.92
CA ASN D 51 6.12 1.00 9.54
C ASN D 51 5.94 -0.11 8.52
N GLU D 52 5.27 -1.18 8.92
CA GLU D 52 4.95 -2.26 8.00
C GLU D 52 3.44 -2.33 7.84
N ASP D 53 2.99 -2.44 6.59
CA ASP D 53 1.57 -2.39 6.24
C ASP D 53 0.76 -3.46 6.95
N VAL D 54 1.39 -4.62 7.18
CA VAL D 54 0.77 -5.74 7.88
C VAL D 54 0.16 -5.35 9.25
N PHE D 55 0.76 -4.38 9.92
CA PHE D 55 0.31 -3.94 11.24
C PHE D 55 -0.98 -3.14 11.22
N ASN D 56 -1.40 -2.68 10.04
CA ASN D 56 -2.70 -2.03 9.89
C ASN D 56 -3.86 -2.95 10.28
N GLY D 57 -3.72 -4.26 10.04
CA GLY D 57 -4.79 -5.19 10.37
C GLY D 57 -4.49 -6.29 11.36
N HIS D 58 -3.37 -6.19 12.06
CA HIS D 58 -2.93 -7.25 12.96
C HIS D 58 -2.14 -6.72 14.17
N PHE D 59 -2.78 -5.99 15.08
CA PHE D 59 -4.18 -5.61 15.02
C PHE D 59 -4.26 -4.09 15.24
N PRO D 60 -5.40 -3.46 14.88
CA PRO D 60 -5.56 -2.03 15.22
C PRO D 60 -5.31 -1.76 16.70
N ASN D 61 -4.49 -0.76 17.00
CA ASN D 61 -4.09 -0.37 18.37
C ASN D 61 -3.35 -1.47 19.17
N LYS D 62 -2.86 -2.49 18.48
CA LYS D 62 -2.14 -3.61 19.10
C LYS D 62 -1.30 -4.35 18.04
N PRO D 63 -0.15 -3.77 17.66
CA PRO D 63 0.69 -4.41 16.64
C PRO D 63 1.37 -5.69 17.12
N ILE D 64 1.05 -6.79 16.45
CA ILE D 64 1.60 -8.11 16.72
C ILE D 64 2.02 -8.71 15.38
N PHE D 65 3.31 -9.06 15.26
CA PHE D 65 3.79 -9.70 14.03
C PHE D 65 3.19 -11.09 13.89
N PRO D 66 2.48 -11.33 12.77
CA PRO D 66 1.77 -12.62 12.59
C PRO D 66 2.72 -13.81 12.71
N GLY D 67 2.30 -14.81 13.48
CA GLY D 67 3.10 -16.03 13.67
C GLY D 67 3.41 -16.76 12.38
N VAL D 68 2.43 -16.84 11.48
CA VAL D 68 2.60 -17.50 10.18
C VAL D 68 3.68 -16.83 9.33
N LEU D 69 3.88 -15.53 9.53
CA LEU D 69 4.93 -14.76 8.85
C LEU D 69 6.30 -15.00 9.46
N ILE D 70 6.34 -15.34 10.74
CA ILE D 70 7.57 -15.82 11.38
C ILE D 70 8.01 -17.14 10.75
N VAL D 71 7.06 -18.04 10.50
CA VAL D 71 7.35 -19.31 9.84
C VAL D 71 7.86 -19.07 8.41
N GLU D 72 7.18 -18.17 7.69
CA GLU D 72 7.60 -17.72 6.37
C GLU D 72 9.04 -17.19 6.35
N GLY D 73 9.39 -16.35 7.31
CA GLY D 73 10.75 -15.83 7.41
C GLY D 73 11.82 -16.89 7.61
N MET D 74 11.47 -17.93 8.39
CA MET D 74 12.33 -19.08 8.61
C MET D 74 12.49 -19.92 7.35
N ALA D 75 11.40 -20.07 6.58
CA ALA D 75 11.44 -20.74 5.28
C ALA D 75 12.37 -20.03 4.29
N GLN D 76 12.25 -18.71 4.22
CA GLN D 76 13.07 -17.88 3.32
C GLN D 76 14.55 -17.93 3.69
N SER D 77 14.83 -17.97 4.99
CA SER D 77 16.17 -18.20 5.50
C SER D 77 16.70 -19.56 5.04
N GLY D 78 15.87 -20.58 5.20
CA GLY D 78 16.17 -21.93 4.71
C GLY D 78 16.42 -21.97 3.22
N GLY D 79 15.57 -21.27 2.46
CA GLY D 79 15.71 -21.17 1.01
C GLY D 79 17.02 -20.54 0.57
N PHE D 80 17.44 -19.48 1.27
CA PHE D 80 18.72 -18.83 1.00
C PHE D 80 19.88 -19.80 1.22
N LEU D 81 19.82 -20.55 2.33
CA LEU D 81 20.78 -21.61 2.60
C LEU D 81 20.77 -22.64 1.48
N ALA D 82 19.58 -23.11 1.10
CA ALA D 82 19.40 -24.04 -0.02
C ALA D 82 20.00 -23.56 -1.35
N PHE D 83 19.64 -22.36 -1.82
CA PHE D 83 20.18 -21.85 -3.10
C PHE D 83 21.72 -21.81 -3.07
N THR D 84 22.29 -21.12 -2.07
CA THR D 84 23.74 -20.94 -1.96
C THR D 84 24.52 -22.25 -1.77
N SER D 85 23.94 -23.18 -1.02
CA SER D 85 24.50 -24.53 -0.87
C SER D 85 24.63 -25.23 -2.22
N LEU D 86 23.61 -25.05 -3.06
CA LEU D 86 23.50 -25.68 -4.38
C LEU D 86 24.30 -24.99 -5.48
N TRP D 87 24.24 -23.65 -5.52
CA TRP D 87 24.81 -22.88 -6.62
C TRP D 87 25.79 -21.78 -6.20
N GLY D 88 25.96 -21.59 -4.89
CA GLY D 88 26.76 -20.47 -4.38
C GLY D 88 26.03 -19.16 -4.63
N PHE D 89 26.75 -18.04 -4.53
CA PHE D 89 26.14 -16.76 -4.89
C PHE D 89 26.08 -16.65 -6.41
N ASP D 90 24.96 -17.09 -6.98
CA ASP D 90 24.74 -17.10 -8.42
C ASP D 90 23.38 -16.48 -8.77
N PRO D 91 23.32 -15.15 -8.93
CA PRO D 91 22.06 -14.47 -9.28
C PRO D 91 21.43 -14.91 -10.60
N GLU D 92 22.25 -15.34 -11.56
CA GLU D 92 21.75 -15.78 -12.88
C GLU D 92 20.91 -17.07 -12.82
N ILE D 93 21.32 -18.03 -11.99
CA ILE D 93 20.54 -19.26 -11.79
C ILE D 93 19.38 -19.00 -10.83
N ALA D 94 19.63 -18.23 -9.77
CA ALA D 94 18.60 -17.93 -8.76
C ALA D 94 17.35 -17.29 -9.39
N LYS D 95 17.59 -16.45 -10.39
CA LYS D 95 16.54 -15.68 -11.07
C LYS D 95 15.50 -16.54 -11.82
N THR D 96 15.88 -17.77 -12.19
CA THR D 96 14.97 -18.69 -12.88
C THR D 96 14.18 -19.62 -11.92
N LYS D 97 14.28 -19.37 -10.61
CA LYS D 97 13.68 -20.26 -9.63
C LYS D 97 12.67 -19.59 -8.71
N ILE D 98 11.72 -20.39 -8.23
CA ILE D 98 10.88 -20.00 -7.10
C ILE D 98 10.96 -21.07 -6.01
N VAL D 99 10.32 -20.80 -4.88
CA VAL D 99 10.33 -21.71 -3.74
C VAL D 99 8.89 -22.09 -3.41
N TYR D 100 8.67 -23.38 -3.12
CA TYR D 100 7.36 -23.89 -2.72
C TYR D 100 7.44 -24.53 -1.34
N PHE D 101 6.52 -24.15 -0.46
CA PHE D 101 6.28 -24.85 0.80
C PHE D 101 5.65 -26.22 0.52
N MET D 102 6.19 -27.27 1.15
CA MET D 102 5.62 -28.62 1.04
C MET D 102 4.93 -29.05 2.34
N THR D 103 5.63 -28.93 3.46
CA THR D 103 5.10 -29.23 4.79
C THR D 103 5.54 -28.21 5.84
N ILE D 104 4.75 -28.12 6.91
CA ILE D 104 5.13 -27.41 8.13
C ILE D 104 4.77 -28.31 9.30
N ASP D 105 5.64 -28.40 10.29
CA ASP D 105 5.41 -29.24 11.45
C ASP D 105 5.98 -28.65 12.73
N LYS D 106 5.42 -29.10 13.86
CA LYS D 106 5.97 -28.83 15.19
C LYS D 106 6.20 -27.34 15.44
N VAL D 107 5.23 -26.52 15.07
CA VAL D 107 5.34 -25.09 15.32
C VAL D 107 4.71 -24.68 16.65
N LYS D 108 5.47 -23.92 17.42
CA LYS D 108 5.04 -23.41 18.71
C LYS D 108 5.26 -21.91 18.72
N PHE D 109 4.27 -21.16 19.18
CA PHE D 109 4.41 -19.72 19.35
C PHE D 109 4.46 -19.41 20.83
N ARG D 110 5.63 -19.04 21.32
CA ARG D 110 5.84 -18.86 22.76
C ARG D 110 5.73 -17.41 23.23
N ILE D 111 6.16 -16.47 22.39
CA ILE D 111 6.25 -15.05 22.76
C ILE D 111 5.82 -14.16 21.57
N PRO D 112 4.91 -13.18 21.81
CA PRO D 112 4.51 -12.29 20.72
C PRO D 112 5.68 -11.41 20.24
N VAL D 113 5.71 -11.14 18.93
CA VAL D 113 6.73 -10.31 18.29
C VAL D 113 6.09 -8.98 17.92
N THR D 114 6.73 -7.89 18.35
CA THR D 114 6.19 -6.55 18.24
C THR D 114 7.20 -5.59 17.60
N PRO D 115 6.72 -4.43 17.07
CA PRO D 115 7.62 -3.37 16.58
C PRO D 115 8.78 -3.08 17.51
N GLY D 116 9.98 -2.99 16.94
CA GLY D 116 11.20 -2.78 17.71
C GLY D 116 11.95 -4.07 18.00
N ASP D 117 11.37 -5.20 17.65
CA ASP D 117 12.02 -6.51 17.82
C ASP D 117 12.93 -6.81 16.64
N ARG D 118 14.07 -7.42 16.95
CA ARG D 118 14.97 -7.94 15.95
C ARG D 118 14.72 -9.46 15.90
N LEU D 119 13.96 -9.90 14.89
CA LEU D 119 13.56 -11.30 14.76
C LEU D 119 14.66 -12.15 14.12
N GLU D 120 15.35 -12.92 14.96
CA GLU D 120 16.49 -13.74 14.55
C GLU D 120 16.04 -15.15 14.17
N TYR D 121 16.39 -15.58 12.96
CA TYR D 121 16.06 -16.91 12.46
C TYR D 121 17.24 -17.89 12.58
N HIS D 122 17.05 -18.98 13.33
CA HIS D 122 18.07 -20.03 13.47
C HIS D 122 17.55 -21.32 12.84
N LEU D 123 18.19 -21.75 11.75
CA LEU D 123 17.77 -22.95 11.05
C LEU D 123 18.91 -23.91 10.76
N GLU D 124 18.66 -25.19 10.96
CA GLU D 124 19.59 -26.24 10.59
C GLU D 124 18.96 -27.17 9.57
N VAL D 125 19.79 -27.74 8.70
CA VAL D 125 19.33 -28.70 7.72
C VAL D 125 19.10 -30.03 8.41
N LEU D 126 17.86 -30.53 8.32
CA LEU D 126 17.47 -31.82 8.88
C LEU D 126 17.63 -32.93 7.83
N LYS D 127 17.32 -32.58 6.58
CA LYS D 127 17.41 -33.47 5.44
C LYS D 127 17.39 -32.63 4.18
N HIS D 128 18.17 -33.03 3.19
CA HIS D 128 18.13 -32.41 1.88
C HIS D 128 18.56 -33.39 0.80
N LYS D 129 17.85 -33.38 -0.33
CA LYS D 129 18.27 -34.12 -1.52
C LYS D 129 17.75 -33.42 -2.75
N GLY D 130 18.68 -33.02 -3.62
CA GLY D 130 18.36 -32.25 -4.82
C GLY D 130 17.73 -30.92 -4.44
N MET D 131 16.50 -30.71 -4.92
CA MET D 131 15.78 -29.44 -4.73
C MET D 131 14.98 -29.38 -3.41
N ILE D 132 14.78 -30.54 -2.78
CA ILE D 132 13.94 -30.65 -1.59
C ILE D 132 14.75 -30.49 -0.30
N TRP D 133 14.37 -29.53 0.51
CA TRP D 133 15.13 -29.17 1.71
C TRP D 133 14.25 -29.16 2.95
N GLN D 134 14.64 -29.94 3.95
CA GLN D 134 13.96 -29.95 5.25
C GLN D 134 14.79 -29.28 6.34
N VAL D 135 14.23 -28.23 6.91
CA VAL D 135 14.90 -27.42 7.93
C VAL D 135 14.05 -27.30 9.20
N GLY D 136 14.72 -27.09 10.33
CA GLY D 136 14.04 -26.93 11.60
C GLY D 136 14.84 -25.97 12.46
N GLY D 137 14.16 -25.29 13.37
CA GLY D 137 14.85 -24.38 14.26
C GLY D 137 13.93 -23.46 15.03
N THR D 138 14.43 -22.28 15.35
CA THR D 138 13.71 -21.33 16.18
C THR D 138 13.81 -19.92 15.62
N ALA D 139 12.87 -19.08 16.05
CA ALA D 139 12.95 -17.64 15.89
C ALA D 139 13.24 -17.07 17.28
N GLN D 140 14.20 -16.17 17.35
CA GLN D 140 14.64 -15.64 18.63
C GLN D 140 14.64 -14.11 18.67
N VAL D 141 14.31 -13.56 19.83
CA VAL D 141 14.37 -12.12 20.07
C VAL D 141 15.10 -11.87 21.39
N ASP D 142 16.24 -11.19 21.31
CA ASP D 142 17.08 -10.92 22.47
C ASP D 142 17.39 -12.24 23.19
N GLY D 143 17.90 -13.21 22.42
CA GLY D 143 18.35 -14.49 22.95
C GLY D 143 17.30 -15.45 23.50
N LYS D 144 16.03 -15.09 23.39
CA LYS D 144 14.93 -15.95 23.86
C LYS D 144 14.16 -16.55 22.68
N VAL D 145 13.77 -17.82 22.83
CA VAL D 145 12.97 -18.49 21.81
C VAL D 145 11.54 -17.97 21.79
N VAL D 146 11.18 -17.41 20.64
CA VAL D 146 9.89 -16.79 20.40
C VAL D 146 8.97 -17.77 19.66
N ALA D 147 9.57 -18.62 18.84
CA ALA D 147 8.84 -19.62 18.09
C ALA D 147 9.76 -20.76 17.68
N GLU D 148 9.18 -21.93 17.45
CA GLU D 148 9.88 -23.08 16.90
C GLU D 148 9.08 -23.57 15.71
N ALA D 149 9.78 -24.13 14.73
CA ALA D 149 9.13 -24.71 13.56
C ALA D 149 10.06 -25.67 12.82
N GLU D 150 9.43 -26.60 12.08
CA GLU D 150 10.09 -27.44 11.10
C GLU D 150 9.32 -27.29 9.80
N LEU D 151 10.03 -27.33 8.67
CA LEU D 151 9.37 -27.15 7.39
C LEU D 151 10.14 -27.79 6.25
N LYS D 152 9.41 -28.19 5.21
CA LYS D 152 10.02 -28.73 4.00
C LYS D 152 9.63 -27.87 2.80
N ALA D 153 10.65 -27.43 2.05
CA ALA D 153 10.45 -26.60 0.88
C ALA D 153 11.12 -27.20 -0.35
N MET D 154 10.65 -26.78 -1.53
CA MET D 154 11.24 -27.20 -2.79
C MET D 154 11.58 -26.01 -3.69
N ILE D 155 12.79 -26.02 -4.24
CA ILE D 155 13.19 -25.07 -5.26
C ILE D 155 12.77 -25.62 -6.63
N ALA D 156 12.03 -24.81 -7.38
CA ALA D 156 11.52 -25.26 -8.68
C ALA D 156 11.75 -24.20 -9.77
N GLU D 157 11.89 -24.68 -11.02
CA GLU D 157 11.94 -23.79 -12.18
C GLU D 157 10.64 -23.01 -12.27
N ARG D 158 10.73 -21.71 -12.53
CA ARG D 158 9.54 -20.88 -12.65
C ARG D 158 8.83 -21.02 -14.01
N GLU D 159 9.50 -21.72 -14.94
CA GLU D 159 8.96 -22.10 -16.26
C GLU D 159 8.48 -20.91 -17.09
N GLN E 9 -6.73 -20.63 -28.13
CA GLN E 9 -7.37 -21.23 -26.92
C GLN E 9 -8.64 -20.50 -26.48
N SER E 10 -9.39 -21.14 -25.58
CA SER E 10 -10.62 -20.58 -25.04
C SER E 10 -10.50 -20.23 -23.56
N GLN E 11 -9.57 -20.89 -22.86
CA GLN E 11 -9.36 -20.64 -21.44
C GLN E 11 -7.95 -20.09 -21.19
N PHE E 12 -7.88 -19.02 -20.40
CA PHE E 12 -6.62 -18.39 -20.06
C PHE E 12 -6.56 -18.08 -18.57
N PHE E 13 -5.38 -18.26 -18.00
CA PHE E 13 -5.14 -18.03 -16.59
C PHE E 13 -4.36 -16.73 -16.36
N ILE E 14 -4.22 -16.32 -15.10
CA ILE E 14 -3.57 -15.04 -14.75
C ILE E 14 -2.22 -14.79 -15.46
N GLU E 15 -1.42 -15.85 -15.66
CA GLU E 15 -0.16 -15.75 -16.38
C GLU E 15 -0.35 -15.27 -17.80
N HIS E 16 -1.35 -15.82 -18.48
CA HIS E 16 -1.71 -15.43 -19.84
C HIS E 16 -2.23 -14.00 -19.91
N ILE E 17 -3.02 -13.61 -18.91
CA ILE E 17 -3.56 -12.25 -18.83
C ILE E 17 -2.43 -11.22 -18.66
N LEU E 18 -1.50 -11.51 -17.76
CA LEU E 18 -0.33 -10.66 -17.51
C LEU E 18 0.55 -10.45 -18.77
N GLN E 19 0.50 -11.42 -19.67
CA GLN E 19 1.31 -11.39 -20.90
C GLN E 19 0.64 -10.61 -22.04
N ILE E 20 -0.67 -10.41 -21.94
CA ILE E 20 -1.44 -9.73 -22.98
C ILE E 20 -1.81 -8.32 -22.56
N LEU E 21 -2.44 -8.18 -21.40
CA LEU E 21 -2.90 -6.88 -20.91
C LEU E 21 -1.75 -6.06 -20.31
N PRO E 22 -1.77 -4.73 -20.54
CA PRO E 22 -0.72 -3.90 -19.97
C PRO E 22 -0.97 -3.54 -18.49
N HIS E 23 -2.22 -3.67 -18.04
CA HIS E 23 -2.63 -3.32 -16.68
C HIS E 23 -1.87 -4.12 -15.64
N ARG E 24 -1.55 -3.48 -14.52
CA ARG E 24 -0.82 -4.11 -13.42
C ARG E 24 -1.48 -3.68 -12.12
N TYR E 25 -0.99 -4.20 -10.99
CA TYR E 25 -1.53 -3.85 -9.68
C TYR E 25 -1.40 -2.34 -9.40
N PRO E 26 -2.45 -1.69 -8.86
CA PRO E 26 -3.75 -2.22 -8.42
C PRO E 26 -4.87 -2.07 -9.44
N MET E 27 -4.56 -2.27 -10.71
CA MET E 27 -5.51 -2.01 -11.80
C MET E 27 -5.70 -3.15 -12.80
N LEU E 28 -5.20 -4.34 -12.48
CA LEU E 28 -5.47 -5.53 -13.27
C LEU E 28 -6.65 -6.27 -12.65
N LEU E 29 -7.81 -6.19 -13.31
CA LEU E 29 -9.09 -6.54 -12.70
C LEU E 29 -9.79 -7.71 -13.40
N VAL E 30 -9.00 -8.54 -14.06
CA VAL E 30 -9.47 -9.80 -14.63
C VAL E 30 -8.52 -10.86 -14.10
N ASP E 31 -9.09 -11.91 -13.52
CA ASP E 31 -8.31 -13.00 -12.92
C ASP E 31 -8.20 -14.23 -13.83
N ARG E 32 -9.27 -14.51 -14.57
CA ARG E 32 -9.31 -15.71 -15.42
C ARG E 32 -10.29 -15.54 -16.58
N ILE E 33 -9.94 -16.08 -17.74
CA ILE E 33 -10.84 -16.10 -18.90
C ILE E 33 -11.39 -17.52 -19.10
N THR E 34 -12.71 -17.66 -19.08
CA THR E 34 -13.30 -19.01 -19.18
C THR E 34 -13.65 -19.40 -20.62
N GLU E 35 -14.05 -18.43 -21.42
CA GLU E 35 -14.28 -18.69 -22.83
C GLU E 35 -13.99 -17.48 -23.71
N LEU E 36 -13.50 -17.75 -24.92
CA LEU E 36 -13.14 -16.71 -25.86
C LEU E 36 -13.45 -17.16 -27.29
N GLN E 37 -14.24 -16.37 -28.00
CA GLN E 37 -14.45 -16.53 -29.43
C GLN E 37 -13.89 -15.30 -30.14
N ALA E 38 -12.83 -15.49 -30.93
CA ALA E 38 -12.20 -14.41 -31.68
C ALA E 38 -13.19 -13.51 -32.41
N ASN E 39 -13.02 -12.19 -32.25
CA ASN E 39 -13.87 -11.18 -32.88
C ASN E 39 -15.32 -11.16 -32.44
N GLN E 40 -15.70 -12.04 -31.53
CA GLN E 40 -17.11 -12.22 -31.17
C GLN E 40 -17.45 -12.00 -29.71
N LYS E 41 -16.98 -12.88 -28.83
CA LYS E 41 -17.36 -12.82 -27.42
C LYS E 41 -16.23 -13.23 -26.48
N ILE E 42 -16.31 -12.75 -25.25
CA ILE E 42 -15.44 -13.21 -24.17
C ILE E 42 -16.25 -13.38 -22.88
N VAL E 43 -15.93 -14.42 -22.12
CA VAL E 43 -16.44 -14.58 -20.77
C VAL E 43 -15.21 -14.71 -19.89
N ALA E 44 -15.16 -13.90 -18.84
CA ALA E 44 -14.03 -13.89 -17.92
C ALA E 44 -14.57 -13.56 -16.53
N TYR E 45 -13.69 -13.54 -15.55
CA TYR E 45 -14.10 -13.16 -14.20
C TYR E 45 -12.98 -12.60 -13.33
N LYS E 46 -13.40 -11.89 -12.29
CA LYS E 46 -12.52 -11.41 -11.22
C LYS E 46 -13.12 -11.84 -9.88
N ASN E 47 -12.30 -12.46 -9.04
CA ASN E 47 -12.70 -12.75 -7.67
C ASN E 47 -12.70 -11.50 -6.80
N ILE E 48 -13.71 -11.34 -5.96
CA ILE E 48 -13.84 -10.17 -5.07
C ILE E 48 -13.57 -10.61 -3.62
N THR E 49 -12.56 -10.03 -3.00
CA THR E 49 -12.16 -10.40 -1.65
C THR E 49 -12.06 -9.14 -0.78
N PHE E 50 -12.26 -9.29 0.53
CA PHE E 50 -12.03 -8.17 1.45
C PHE E 50 -10.59 -7.68 1.37
N ASN E 51 -9.67 -8.59 1.06
CA ASN E 51 -8.23 -8.30 1.03
C ASN E 51 -7.77 -7.43 -0.16
N GLU E 52 -8.62 -6.51 -0.58
CA GLU E 52 -8.29 -5.56 -1.63
C GLU E 52 -8.25 -4.16 -1.04
N ASP E 53 -7.28 -3.36 -1.48
CA ASP E 53 -7.02 -2.03 -0.92
C ASP E 53 -8.16 -1.02 -1.15
N VAL E 54 -8.90 -1.15 -2.26
CA VAL E 54 -10.10 -0.32 -2.50
C VAL E 54 -11.09 -0.31 -1.35
N PHE E 55 -11.18 -1.45 -0.67
CA PHE E 55 -12.19 -1.61 0.39
C PHE E 55 -11.93 -0.74 1.62
N ASN E 56 -10.69 -0.27 1.78
CA ASN E 56 -10.35 0.71 2.80
C ASN E 56 -11.16 2.01 2.70
N GLY E 57 -11.53 2.39 1.48
CA GLY E 57 -12.24 3.64 1.25
C GLY E 57 -13.64 3.54 0.70
N HIS E 58 -14.10 2.33 0.41
CA HIS E 58 -15.35 2.12 -0.31
C HIS E 58 -16.13 0.89 0.16
N PHE E 59 -16.80 0.96 1.32
CA PHE E 59 -16.72 2.08 2.25
C PHE E 59 -16.30 1.50 3.60
N PRO E 60 -15.72 2.32 4.50
CA PRO E 60 -15.44 1.81 5.86
C PRO E 60 -16.69 1.18 6.50
N ASN E 61 -16.53 -0.02 7.06
CA ASN E 61 -17.64 -0.81 7.63
C ASN E 61 -18.71 -1.30 6.63
N LYS E 62 -18.52 -1.02 5.34
CA LYS E 62 -19.48 -1.42 4.31
C LYS E 62 -18.75 -1.62 2.97
N PRO E 63 -18.02 -2.75 2.83
CA PRO E 63 -17.25 -3.00 1.61
C PRO E 63 -18.12 -3.26 0.37
N ILE E 64 -18.03 -2.35 -0.60
CA ILE E 64 -18.79 -2.41 -1.84
C ILE E 64 -17.82 -2.20 -3.00
N PHE E 65 -17.67 -3.22 -3.86
CA PHE E 65 -16.83 -3.09 -5.03
C PHE E 65 -17.34 -1.96 -5.93
N PRO E 66 -16.49 -0.95 -6.18
CA PRO E 66 -16.94 0.24 -6.93
C PRO E 66 -17.48 -0.11 -8.32
N GLY E 67 -18.63 0.47 -8.65
CA GLY E 67 -19.25 0.29 -9.95
C GLY E 67 -18.35 0.63 -11.13
N VAL E 68 -17.57 1.69 -10.99
CA VAL E 68 -16.61 2.10 -12.05
C VAL E 68 -15.50 1.07 -12.28
N LEU E 69 -15.18 0.29 -11.25
CA LEU E 69 -14.17 -0.77 -11.38
C LEU E 69 -14.73 -2.03 -12.05
N ILE E 70 -16.04 -2.22 -11.92
CA ILE E 70 -16.75 -3.26 -12.66
C ILE E 70 -16.66 -2.96 -14.16
N VAL E 71 -16.96 -1.72 -14.51
CA VAL E 71 -16.84 -1.23 -15.90
C VAL E 71 -15.41 -1.36 -16.43
N GLU E 72 -14.43 -0.99 -15.61
CA GLU E 72 -13.01 -1.20 -15.89
C GLU E 72 -12.65 -2.67 -16.18
N GLY E 73 -13.15 -3.58 -15.35
CA GLY E 73 -12.93 -5.01 -15.54
C GLY E 73 -13.56 -5.52 -16.82
N MET E 74 -14.75 -5.01 -17.14
CA MET E 74 -15.42 -5.30 -18.41
C MET E 74 -14.58 -4.82 -19.61
N ALA E 75 -13.99 -3.64 -19.48
CA ALA E 75 -13.13 -3.06 -20.52
C ALA E 75 -11.86 -3.87 -20.74
N GLN E 76 -11.27 -4.35 -19.65
CA GLN E 76 -10.07 -5.16 -19.73
C GLN E 76 -10.35 -6.52 -20.36
N SER E 77 -11.56 -7.04 -20.14
CA SER E 77 -12.04 -8.26 -20.77
C SER E 77 -12.20 -8.06 -22.28
N GLY E 78 -12.80 -6.93 -22.67
CA GLY E 78 -12.91 -6.54 -24.07
C GLY E 78 -11.56 -6.31 -24.71
N GLY E 79 -10.63 -5.75 -23.94
CA GLY E 79 -9.27 -5.50 -24.40
C GLY E 79 -8.48 -6.77 -24.65
N PHE E 80 -8.68 -7.76 -23.79
CA PHE E 80 -8.06 -9.08 -24.00
C PHE E 80 -8.60 -9.74 -25.27
N LEU E 81 -9.91 -9.67 -25.43
CA LEU E 81 -10.59 -10.17 -26.62
C LEU E 81 -10.07 -9.42 -27.87
N ALA E 82 -10.01 -8.09 -27.77
CA ALA E 82 -9.52 -7.24 -28.85
C ALA E 82 -8.12 -7.64 -29.33
N PHE E 83 -7.18 -7.76 -28.39
CA PHE E 83 -5.79 -8.01 -28.75
C PHE E 83 -5.58 -9.37 -29.42
N THR E 84 -6.10 -10.42 -28.79
CA THR E 84 -5.95 -11.77 -29.30
C THR E 84 -6.67 -11.98 -30.64
N SER E 85 -7.75 -11.23 -30.86
CA SER E 85 -8.45 -11.26 -32.14
C SER E 85 -7.61 -10.61 -33.24
N LEU E 86 -6.85 -9.59 -32.86
CA LEU E 86 -5.95 -8.89 -33.76
C LEU E 86 -4.66 -9.68 -34.06
N TRP E 87 -3.93 -10.07 -33.02
CA TRP E 87 -2.59 -10.66 -33.19
C TRP E 87 -2.46 -12.10 -32.69
N GLY E 88 -3.52 -12.63 -32.08
CA GLY E 88 -3.46 -13.93 -31.45
C GLY E 88 -2.78 -13.81 -30.11
N PHE E 89 -2.37 -14.94 -29.54
CA PHE E 89 -1.64 -14.90 -28.29
C PHE E 89 -0.16 -14.59 -28.55
N ASP E 90 0.17 -13.29 -28.56
CA ASP E 90 1.52 -12.84 -28.82
C ASP E 90 1.98 -11.81 -27.80
N PRO E 91 2.60 -12.27 -26.70
CA PRO E 91 3.11 -11.41 -25.63
C PRO E 91 4.13 -10.35 -26.07
N GLU E 92 4.98 -10.68 -27.04
CA GLU E 92 6.03 -9.76 -27.48
C GLU E 92 5.49 -8.54 -28.25
N ILE E 93 4.39 -8.73 -28.97
CA ILE E 93 3.66 -7.62 -29.57
C ILE E 93 2.88 -6.88 -28.47
N ALA E 94 2.30 -7.64 -27.55
CA ALA E 94 1.48 -7.10 -26.46
C ALA E 94 2.19 -6.15 -25.52
N LYS E 95 3.45 -6.46 -25.19
CA LYS E 95 4.14 -5.73 -24.12
C LYS E 95 4.34 -4.23 -24.36
N THR E 96 4.17 -3.79 -25.61
CA THR E 96 4.33 -2.37 -25.93
C THR E 96 3.00 -1.69 -26.31
N LYS E 97 1.89 -2.38 -26.09
CA LYS E 97 0.56 -1.82 -26.33
C LYS E 97 -0.07 -1.25 -25.06
N ILE E 98 -0.94 -0.27 -25.25
CA ILE E 98 -1.73 0.33 -24.18
C ILE E 98 -3.18 0.31 -24.63
N VAL E 99 -4.11 0.50 -23.68
CA VAL E 99 -5.55 0.53 -23.97
C VAL E 99 -6.17 1.81 -23.40
N TYR E 100 -6.81 2.60 -24.26
CA TYR E 100 -7.50 3.82 -23.85
C TYR E 100 -9.01 3.65 -23.96
N PHE E 101 -9.72 4.07 -22.91
CA PHE E 101 -11.16 4.27 -22.97
C PHE E 101 -11.44 5.43 -23.93
N MET E 102 -12.43 5.26 -24.79
CA MET E 102 -12.88 6.34 -25.64
C MET E 102 -14.28 6.79 -25.20
N THR E 103 -15.18 5.83 -25.00
CA THR E 103 -16.54 6.13 -24.55
C THR E 103 -17.06 5.05 -23.60
N ILE E 104 -18.12 5.42 -22.87
CA ILE E 104 -18.88 4.52 -22.00
C ILE E 104 -20.34 4.95 -22.15
N ASP E 105 -21.24 3.99 -22.29
CA ASP E 105 -22.66 4.26 -22.50
C ASP E 105 -23.54 3.20 -21.87
N LYS E 106 -24.77 3.59 -21.53
CA LYS E 106 -25.83 2.65 -21.15
C LYS E 106 -25.41 1.71 -20.02
N VAL E 107 -24.71 2.23 -19.02
CA VAL E 107 -24.36 1.40 -17.87
C VAL E 107 -25.43 1.50 -16.79
N LYS E 108 -25.80 0.36 -16.24
CA LYS E 108 -26.80 0.27 -15.21
C LYS E 108 -26.30 -0.71 -14.15
N PHE E 109 -26.28 -0.28 -12.90
CA PHE E 109 -25.92 -1.15 -11.78
C PHE E 109 -27.19 -1.60 -11.06
N ARG E 110 -27.35 -2.91 -10.90
CA ARG E 110 -28.59 -3.47 -10.36
C ARG E 110 -28.43 -4.04 -8.96
N ILE E 111 -27.28 -4.67 -8.71
CA ILE E 111 -26.99 -5.33 -7.45
C ILE E 111 -25.56 -4.96 -7.03
N PRO E 112 -25.39 -4.53 -5.76
CA PRO E 112 -24.04 -4.26 -5.23
C PRO E 112 -23.16 -5.49 -5.22
N VAL E 113 -21.87 -5.30 -5.52
CA VAL E 113 -20.89 -6.39 -5.49
C VAL E 113 -20.04 -6.29 -4.22
N THR E 114 -19.88 -7.42 -3.53
CA THR E 114 -19.24 -7.45 -2.21
C THR E 114 -18.18 -8.55 -2.11
N PRO E 115 -17.25 -8.45 -1.13
CA PRO E 115 -16.31 -9.53 -0.83
C PRO E 115 -16.96 -10.92 -0.77
N GLY E 116 -16.36 -11.88 -1.47
CA GLY E 116 -16.92 -13.22 -1.58
C GLY E 116 -17.61 -13.50 -2.91
N ASP E 117 -17.82 -12.44 -3.70
CA ASP E 117 -18.44 -12.56 -5.02
C ASP E 117 -17.44 -12.93 -6.11
N ARG E 118 -17.88 -13.79 -7.03
CA ARG E 118 -17.15 -14.08 -8.26
C ARG E 118 -17.78 -13.23 -9.35
N LEU E 119 -17.09 -12.16 -9.73
CA LEU E 119 -17.62 -11.19 -10.67
C LEU E 119 -17.31 -11.61 -12.09
N GLU E 120 -18.32 -12.08 -12.80
CA GLU E 120 -18.17 -12.67 -14.12
C GLU E 120 -18.51 -11.64 -15.21
N TYR E 121 -17.55 -11.40 -16.09
CA TYR E 121 -17.71 -10.47 -17.21
C TYR E 121 -18.13 -11.21 -18.49
N HIS E 122 -19.18 -10.72 -19.14
CA HIS E 122 -19.66 -11.26 -20.40
C HIS E 122 -19.68 -10.14 -21.41
N LEU E 123 -18.73 -10.13 -22.33
CA LEU E 123 -18.68 -9.09 -23.36
C LEU E 123 -18.91 -9.67 -24.73
N GLU E 124 -19.64 -8.93 -25.54
CA GLU E 124 -19.83 -9.25 -26.95
C GLU E 124 -19.39 -8.06 -27.80
N VAL E 125 -18.70 -8.34 -28.89
CA VAL E 125 -18.24 -7.31 -29.83
C VAL E 125 -19.45 -6.77 -30.59
N LEU E 126 -19.69 -5.46 -30.45
CA LEU E 126 -20.80 -4.82 -31.14
C LEU E 126 -20.33 -4.28 -32.48
N LYS E 127 -19.10 -3.78 -32.51
CA LYS E 127 -18.49 -3.20 -33.71
C LYS E 127 -17.00 -3.04 -33.47
N HIS E 128 -16.19 -3.45 -34.44
CA HIS E 128 -14.76 -3.19 -34.39
C HIS E 128 -14.22 -2.76 -35.74
N LYS E 129 -13.24 -1.85 -35.70
CA LYS E 129 -12.58 -1.30 -36.87
C LYS E 129 -11.13 -1.01 -36.53
N GLY E 130 -10.24 -1.91 -36.92
CA GLY E 130 -8.83 -1.80 -36.62
C GLY E 130 -8.59 -1.89 -35.12
N MET E 131 -8.09 -0.79 -34.56
CA MET E 131 -7.74 -0.69 -33.15
C MET E 131 -8.94 -0.35 -32.25
N ILE E 132 -10.01 0.16 -32.87
CA ILE E 132 -11.18 0.64 -32.15
C ILE E 132 -12.22 -0.48 -31.97
N TRP E 133 -12.40 -0.90 -30.71
CA TRP E 133 -13.31 -1.98 -30.39
C TRP E 133 -14.46 -1.51 -29.54
N GLN E 134 -15.68 -1.85 -29.97
CA GLN E 134 -16.87 -1.51 -29.22
C GLN E 134 -17.54 -2.77 -28.71
N VAL E 135 -17.52 -2.95 -27.40
CA VAL E 135 -18.07 -4.13 -26.75
C VAL E 135 -19.18 -3.72 -25.81
N GLY E 136 -20.14 -4.62 -25.62
CA GLY E 136 -21.23 -4.40 -24.68
C GLY E 136 -21.54 -5.72 -24.01
N GLY E 137 -22.09 -5.65 -22.80
CA GLY E 137 -22.48 -6.86 -22.10
C GLY E 137 -22.85 -6.63 -20.65
N THR E 138 -22.60 -7.64 -19.83
CA THR E 138 -22.99 -7.64 -18.41
C THR E 138 -21.87 -8.14 -17.50
N ALA E 139 -21.95 -7.74 -16.24
CA ALA E 139 -21.23 -8.39 -15.16
C ALA E 139 -22.25 -9.20 -14.36
N GLN E 140 -21.84 -10.39 -13.92
CA GLN E 140 -22.76 -11.33 -13.29
C GLN E 140 -22.17 -11.92 -12.02
N VAL E 141 -23.04 -12.25 -11.07
CA VAL E 141 -22.66 -12.95 -9.83
C VAL E 141 -23.73 -14.00 -9.55
N ASP E 142 -23.30 -15.26 -9.43
CA ASP E 142 -24.20 -16.40 -9.19
C ASP E 142 -25.35 -16.42 -10.22
N GLY E 143 -25.00 -16.19 -11.49
CA GLY E 143 -25.96 -16.22 -12.60
C GLY E 143 -26.87 -15.01 -12.77
N LYS E 144 -26.76 -14.03 -11.88
CA LYS E 144 -27.60 -12.83 -11.95
C LYS E 144 -26.84 -11.62 -12.47
N VAL E 145 -27.51 -10.79 -13.25
CA VAL E 145 -26.92 -9.56 -13.77
C VAL E 145 -26.85 -8.48 -12.69
N VAL E 146 -25.62 -8.08 -12.36
CA VAL E 146 -25.36 -7.03 -11.37
C VAL E 146 -25.05 -5.68 -12.04
N ALA E 147 -24.63 -5.73 -13.31
CA ALA E 147 -24.27 -4.55 -14.08
C ALA E 147 -24.37 -4.80 -15.57
N GLU E 148 -24.70 -3.73 -16.31
CA GLU E 148 -24.73 -3.72 -17.76
C GLU E 148 -23.88 -2.56 -18.22
N ALA E 149 -23.21 -2.70 -19.37
CA ALA E 149 -22.36 -1.65 -19.89
C ALA E 149 -22.12 -1.78 -21.39
N GLU E 150 -21.96 -0.62 -22.01
CA GLU E 150 -21.50 -0.53 -23.37
C GLU E 150 -20.28 0.38 -23.34
N LEU E 151 -19.19 -0.04 -24.00
CA LEU E 151 -17.97 0.77 -24.03
C LEU E 151 -17.20 0.66 -25.33
N LYS E 152 -16.39 1.68 -25.59
CA LYS E 152 -15.51 1.71 -26.75
C LYS E 152 -14.09 2.03 -26.31
N ALA E 153 -13.15 1.17 -26.67
CA ALA E 153 -11.75 1.32 -26.31
C ALA E 153 -10.86 1.23 -27.54
N MET E 154 -9.68 1.83 -27.44
CA MET E 154 -8.70 1.86 -28.50
C MET E 154 -7.43 1.16 -28.02
N ILE E 155 -6.89 0.25 -28.85
CA ILE E 155 -5.55 -0.30 -28.65
C ILE E 155 -4.56 0.65 -29.32
N ALA E 156 -3.47 0.98 -28.63
CA ALA E 156 -2.47 1.89 -29.15
C ALA E 156 -1.05 1.45 -28.79
N GLU E 157 -0.15 1.52 -29.77
CA GLU E 157 1.28 1.32 -29.52
C GLU E 157 1.79 2.43 -28.59
N ARG E 158 2.46 2.01 -27.52
CA ARG E 158 3.06 2.92 -26.57
C ARG E 158 4.15 3.75 -27.26
N GLU E 159 4.14 5.06 -27.01
CA GLU E 159 5.21 5.91 -27.50
C GLU E 159 5.58 7.03 -26.54
N GLN F 11 -15.35 28.44 -0.26
CA GLN F 11 -14.87 27.10 -0.69
C GLN F 11 -15.04 26.05 0.42
N PHE F 12 -15.16 24.80 0.02
CA PHE F 12 -15.12 23.66 0.94
C PHE F 12 -13.79 22.94 0.72
N PHE F 13 -13.07 22.73 1.82
CA PHE F 13 -11.77 22.08 1.76
C PHE F 13 -11.90 20.60 2.10
N ILE F 14 -10.79 19.88 2.03
CA ILE F 14 -10.78 18.44 2.26
C ILE F 14 -11.42 18.04 3.60
N GLU F 15 -11.11 18.81 4.64
CA GLU F 15 -11.72 18.63 5.97
C GLU F 15 -13.25 18.65 5.93
N HIS F 16 -13.83 19.57 5.15
CA HIS F 16 -15.28 19.66 4.95
C HIS F 16 -15.80 18.54 4.05
N ILE F 17 -15.04 18.21 3.00
CA ILE F 17 -15.37 17.10 2.11
C ILE F 17 -15.49 15.77 2.88
N LEU F 18 -14.56 15.54 3.80
CA LEU F 18 -14.55 14.33 4.63
C LEU F 18 -15.74 14.24 5.59
N GLN F 19 -16.30 15.39 5.96
CA GLN F 19 -17.44 15.44 6.85
C GLN F 19 -18.74 15.12 6.12
N ILE F 20 -18.73 15.22 4.79
CA ILE F 20 -19.93 14.97 3.99
C ILE F 20 -19.90 13.64 3.23
N LEU F 21 -18.90 13.45 2.39
CA LEU F 21 -18.76 12.22 1.60
C LEU F 21 -18.28 11.05 2.47
N PRO F 22 -18.85 9.84 2.25
CA PRO F 22 -18.42 8.66 3.02
C PRO F 22 -17.13 8.04 2.52
N HIS F 23 -16.72 8.39 1.30
CA HIS F 23 -15.55 7.80 0.64
C HIS F 23 -14.27 8.12 1.40
N ARG F 24 -13.35 7.17 1.44
CA ARG F 24 -12.05 7.36 2.07
C ARG F 24 -10.94 6.87 1.14
N TYR F 25 -9.69 6.95 1.59
CA TYR F 25 -8.54 6.46 0.83
C TYR F 25 -8.63 4.95 0.55
N PRO F 26 -8.37 4.51 -0.70
CA PRO F 26 -7.97 5.26 -1.89
C PRO F 26 -9.10 5.55 -2.87
N MET F 27 -10.27 5.89 -2.36
CA MET F 27 -11.42 6.15 -3.22
C MET F 27 -12.12 7.50 -3.00
N LEU F 28 -11.44 8.41 -2.30
CA LEU F 28 -11.88 9.80 -2.18
C LEU F 28 -11.12 10.63 -3.21
N LEU F 29 -11.82 11.03 -4.27
CA LEU F 29 -11.19 11.58 -5.47
C LEU F 29 -11.60 13.02 -5.77
N VAL F 30 -11.92 13.76 -4.70
CA VAL F 30 -12.14 15.20 -4.75
C VAL F 30 -11.33 15.84 -3.62
N ASP F 31 -10.55 16.87 -3.95
CA ASP F 31 -9.70 17.57 -2.97
C ASP F 31 -10.27 18.89 -2.47
N ARG F 32 -11.04 19.58 -3.32
CA ARG F 32 -11.58 20.90 -2.97
C ARG F 32 -12.84 21.25 -3.78
N ILE F 33 -13.80 21.91 -3.12
CA ILE F 33 -15.00 22.44 -3.80
C ILE F 33 -14.83 23.95 -3.95
N THR F 34 -14.80 24.43 -5.20
CA THR F 34 -14.63 25.87 -5.45
C THR F 34 -15.96 26.65 -5.60
N GLU F 35 -16.99 26.02 -6.17
CA GLU F 35 -18.32 26.63 -6.35
C GLU F 35 -19.45 25.67 -6.00
N LEU F 36 -20.43 26.17 -5.26
CA LEU F 36 -21.62 25.40 -4.92
C LEU F 36 -22.88 26.24 -5.08
N GLN F 37 -23.82 25.75 -5.87
CA GLN F 37 -25.14 26.36 -6.01
C GLN F 37 -26.21 25.29 -5.86
N ALA F 38 -26.85 25.27 -4.69
CA ALA F 38 -27.83 24.24 -4.33
C ALA F 38 -28.87 24.03 -5.43
N ASN F 39 -29.06 22.76 -5.80
CA ASN F 39 -30.02 22.34 -6.84
C ASN F 39 -29.69 22.79 -8.27
N GLN F 40 -28.47 23.30 -8.45
CA GLN F 40 -28.07 23.82 -9.74
C GLN F 40 -26.76 23.22 -10.23
N LYS F 41 -25.65 23.55 -9.56
CA LYS F 41 -24.33 23.14 -10.03
C LYS F 41 -23.23 23.11 -8.98
N ILE F 42 -22.14 22.44 -9.34
CA ILE F 42 -20.95 22.38 -8.52
C ILE F 42 -19.70 22.42 -9.40
N VAL F 43 -18.70 23.16 -8.96
CA VAL F 43 -17.36 23.11 -9.56
C VAL F 43 -16.40 22.69 -8.46
N ALA F 44 -15.63 21.64 -8.73
CA ALA F 44 -14.70 21.06 -7.77
C ALA F 44 -13.46 20.60 -8.51
N TYR F 45 -12.45 20.13 -7.78
CA TYR F 45 -11.29 19.54 -8.43
C TYR F 45 -10.54 18.51 -7.59
N LYS F 46 -9.73 17.72 -8.29
CA LYS F 46 -8.77 16.83 -7.68
C LYS F 46 -7.40 17.07 -8.34
N ASN F 47 -6.36 17.21 -7.52
CA ASN F 47 -5.00 17.25 -8.03
C ASN F 47 -4.54 15.86 -8.46
N ILE F 48 -3.80 15.80 -9.56
CA ILE F 48 -3.21 14.55 -10.04
C ILE F 48 -1.70 14.61 -9.86
N THR F 49 -1.17 13.67 -9.10
CA THR F 49 0.25 13.60 -8.78
C THR F 49 0.76 12.20 -9.14
N PHE F 50 2.07 12.06 -9.37
CA PHE F 50 2.62 10.73 -9.59
C PHE F 50 2.50 9.84 -8.34
N ASN F 51 2.53 10.48 -7.17
CA ASN F 51 2.52 9.82 -5.86
C ASN F 51 1.17 9.19 -5.47
N GLU F 52 0.49 8.58 -6.45
CA GLU F 52 -0.78 7.87 -6.21
C GLU F 52 -0.60 6.41 -6.62
N ASP F 53 -1.10 5.50 -5.79
CA ASP F 53 -0.91 4.05 -5.98
C ASP F 53 -1.40 3.53 -7.33
N VAL F 54 -2.50 4.08 -7.84
CA VAL F 54 -3.06 3.66 -9.14
C VAL F 54 -2.06 3.67 -10.31
N PHE F 55 -1.10 4.60 -10.30
CA PHE F 55 -0.16 4.76 -11.40
C PHE F 55 0.84 3.60 -11.53
N ASN F 56 0.96 2.81 -10.46
CA ASN F 56 1.74 1.56 -10.50
C ASN F 56 1.20 0.56 -11.53
N GLY F 57 -0.12 0.56 -11.72
CA GLY F 57 -0.75 -0.33 -12.66
C GLY F 57 -1.42 0.29 -13.87
N HIS F 58 -1.35 1.62 -14.00
CA HIS F 58 -2.08 2.30 -15.09
C HIS F 58 -1.35 3.51 -15.68
N PHE F 59 -0.29 3.29 -16.46
CA PHE F 59 0.29 1.99 -16.73
C PHE F 59 1.75 2.09 -16.32
N PRO F 60 2.44 0.94 -16.14
CA PRO F 60 3.89 1.03 -15.90
C PRO F 60 4.59 1.82 -17.02
N ASN F 61 5.48 2.73 -16.64
CA ASN F 61 6.20 3.56 -17.63
C ASN F 61 5.34 4.52 -18.48
N LYS F 62 4.02 4.54 -18.24
CA LYS F 62 3.12 5.52 -18.85
C LYS F 62 1.97 5.86 -17.89
N PRO F 63 2.17 6.85 -17.00
CA PRO F 63 1.14 7.26 -16.03
C PRO F 63 -0.06 7.95 -16.69
N ILE F 64 -1.22 7.31 -16.62
CA ILE F 64 -2.46 7.85 -17.18
C ILE F 64 -3.57 7.63 -16.15
N PHE F 65 -4.17 8.73 -15.68
CA PHE F 65 -5.22 8.66 -14.67
C PHE F 65 -6.42 7.95 -15.30
N PRO F 66 -6.89 6.85 -14.66
CA PRO F 66 -7.97 6.05 -15.26
C PRO F 66 -9.24 6.82 -15.58
N GLY F 67 -9.72 6.65 -16.81
CA GLY F 67 -10.96 7.27 -17.25
C GLY F 67 -12.12 7.02 -16.30
N VAL F 68 -12.22 5.79 -15.79
CA VAL F 68 -13.31 5.44 -14.86
C VAL F 68 -13.24 6.19 -13.53
N LEU F 69 -12.04 6.64 -13.16
CA LEU F 69 -11.81 7.37 -11.93
C LEU F 69 -12.06 8.86 -12.11
N ILE F 70 -11.93 9.34 -13.34
CA ILE F 70 -12.43 10.67 -13.72
C ILE F 70 -13.93 10.70 -13.48
N VAL F 71 -14.63 9.68 -13.99
CA VAL F 71 -16.09 9.54 -13.81
C VAL F 71 -16.49 9.44 -12.33
N GLU F 72 -15.74 8.64 -11.57
CA GLU F 72 -15.96 8.51 -10.12
C GLU F 72 -15.83 9.87 -9.41
N GLY F 73 -14.77 10.62 -9.76
CA GLY F 73 -14.56 11.96 -9.23
C GLY F 73 -15.70 12.92 -9.53
N MET F 74 -16.32 12.77 -10.70
CA MET F 74 -17.49 13.57 -11.08
C MET F 74 -18.74 13.16 -10.29
N ALA F 75 -18.90 11.86 -10.07
CA ALA F 75 -19.99 11.30 -9.26
C ALA F 75 -19.91 11.76 -7.82
N GLN F 76 -18.70 11.76 -7.27
CA GLN F 76 -18.47 12.24 -5.91
C GLN F 76 -18.76 13.73 -5.79
N SER F 77 -18.34 14.51 -6.79
CA SER F 77 -18.68 15.94 -6.86
C SER F 77 -20.19 16.15 -6.88
N GLY F 78 -20.88 15.37 -7.70
CA GLY F 78 -22.35 15.40 -7.78
C GLY F 78 -23.00 14.91 -6.50
N GLY F 79 -22.35 13.96 -5.84
CA GLY F 79 -22.77 13.51 -4.52
C GLY F 79 -22.72 14.64 -3.49
N PHE F 80 -21.60 15.34 -3.43
CA PHE F 80 -21.47 16.49 -2.52
C PHE F 80 -22.58 17.53 -2.76
N LEU F 81 -22.87 17.80 -4.04
CA LEU F 81 -23.96 18.67 -4.41
C LEU F 81 -25.31 18.13 -3.90
N ALA F 82 -25.54 16.82 -4.08
CA ALA F 82 -26.76 16.15 -3.61
C ALA F 82 -26.96 16.25 -2.09
N PHE F 83 -25.95 15.82 -1.34
CA PHE F 83 -25.95 15.89 0.13
C PHE F 83 -26.33 17.27 0.66
N THR F 84 -25.66 18.29 0.16
CA THR F 84 -25.82 19.65 0.67
C THR F 84 -27.13 20.29 0.23
N SER F 85 -27.56 20.01 -0.99
CA SER F 85 -28.86 20.48 -1.47
C SER F 85 -30.00 19.89 -0.64
N LEU F 86 -29.84 18.63 -0.25
CA LEU F 86 -30.81 17.94 0.61
C LEU F 86 -30.83 18.49 2.02
N TRP F 87 -29.69 18.39 2.72
CA TRP F 87 -29.63 18.66 4.15
C TRP F 87 -28.70 19.81 4.57
N GLY F 88 -28.14 20.52 3.60
CA GLY F 88 -27.13 21.53 3.88
C GLY F 88 -25.83 20.89 4.34
N PHE F 89 -24.94 21.69 4.90
CA PHE F 89 -23.72 21.15 5.47
C PHE F 89 -24.04 20.56 6.84
N ASP F 90 -24.38 19.28 6.84
CA ASP F 90 -24.77 18.57 8.06
C ASP F 90 -23.99 17.26 8.15
N PRO F 91 -22.81 17.30 8.81
CA PRO F 91 -21.98 16.10 9.05
C PRO F 91 -22.69 15.00 9.84
N GLU F 92 -23.61 15.38 10.73
CA GLU F 92 -24.37 14.44 11.56
C GLU F 92 -25.25 13.49 10.72
N ILE F 93 -26.04 14.06 9.81
CA ILE F 93 -26.86 13.29 8.87
C ILE F 93 -25.99 12.52 7.87
N ALA F 94 -25.01 13.21 7.29
CA ALA F 94 -24.12 12.65 6.28
C ALA F 94 -23.46 11.34 6.71
N LYS F 95 -23.04 11.27 7.98
CA LYS F 95 -22.29 10.12 8.51
C LYS F 95 -23.06 8.79 8.50
N THR F 96 -24.38 8.85 8.37
CA THR F 96 -25.21 7.65 8.36
C THR F 96 -25.42 7.11 6.95
N LYS F 97 -25.06 7.92 5.95
CA LYS F 97 -25.33 7.61 4.55
C LYS F 97 -24.11 7.09 3.79
N ILE F 98 -24.38 6.37 2.70
CA ILE F 98 -23.39 6.02 1.67
C ILE F 98 -23.98 6.34 0.29
N VAL F 99 -23.18 6.19 -0.76
CA VAL F 99 -23.65 6.50 -2.11
C VAL F 99 -23.47 5.31 -3.06
N TYR F 100 -24.52 5.01 -3.82
CA TYR F 100 -24.50 4.00 -4.88
C TYR F 100 -24.60 4.64 -6.25
N PHE F 101 -23.75 4.19 -7.17
CA PHE F 101 -23.92 4.44 -8.60
C PHE F 101 -25.14 3.68 -9.10
N MET F 102 -26.01 4.35 -9.85
CA MET F 102 -27.16 3.68 -10.48
C MET F 102 -26.97 3.51 -11.99
N THR F 103 -26.65 4.62 -12.68
CA THR F 103 -26.41 4.62 -14.12
C THR F 103 -25.24 5.52 -14.50
N ILE F 104 -24.60 5.20 -15.63
CA ILE F 104 -23.60 6.05 -16.29
C ILE F 104 -23.95 6.06 -17.77
N ASP F 105 -23.90 7.24 -18.40
CA ASP F 105 -24.23 7.34 -19.81
C ASP F 105 -23.54 8.53 -20.47
N LYS F 106 -23.33 8.40 -21.78
CA LYS F 106 -22.81 9.48 -22.63
C LYS F 106 -21.46 10.03 -22.16
N VAL F 107 -20.57 9.13 -21.76
CA VAL F 107 -19.22 9.55 -21.39
C VAL F 107 -18.28 9.46 -22.60
N LYS F 108 -17.47 10.50 -22.75
CA LYS F 108 -16.47 10.56 -23.81
C LYS F 108 -15.19 11.10 -23.21
N PHE F 109 -14.09 10.42 -23.48
CA PHE F 109 -12.78 10.88 -23.05
C PHE F 109 -12.05 11.51 -24.23
N ARG F 110 -11.53 12.73 -24.04
CA ARG F 110 -10.91 13.47 -25.13
C ARG F 110 -9.40 13.59 -24.99
N ILE F 111 -8.93 13.89 -23.79
CA ILE F 111 -7.51 14.10 -23.53
C ILE F 111 -7.12 13.27 -22.31
N PRO F 112 -6.00 12.51 -22.39
CA PRO F 112 -5.53 11.78 -21.21
C PRO F 112 -5.19 12.71 -20.05
N VAL F 113 -5.42 12.24 -18.82
CA VAL F 113 -5.12 13.01 -17.61
C VAL F 113 -3.88 12.39 -16.99
N THR F 114 -2.90 13.23 -16.67
CA THR F 114 -1.58 12.74 -16.22
C THR F 114 -1.11 13.47 -14.94
N PRO F 115 -0.06 12.96 -14.26
CA PRO F 115 0.48 13.66 -13.09
C PRO F 115 0.86 15.10 -13.41
N GLY F 116 0.48 16.03 -12.53
CA GLY F 116 0.72 17.46 -12.75
C GLY F 116 -0.55 18.19 -13.17
N ASP F 117 -1.57 17.43 -13.58
CA ASP F 117 -2.85 18.01 -13.94
C ASP F 117 -3.72 18.28 -12.73
N ARG F 118 -4.43 19.40 -12.81
CA ARG F 118 -5.48 19.78 -11.88
C ARG F 118 -6.78 19.36 -12.56
N LEU F 119 -7.38 18.28 -12.07
CA LEU F 119 -8.60 17.74 -12.67
C LEU F 119 -9.87 18.38 -12.11
N GLU F 120 -10.45 19.29 -12.89
CA GLU F 120 -11.59 20.10 -12.45
C GLU F 120 -12.92 19.50 -12.92
N TYR F 121 -13.83 19.29 -11.96
CA TYR F 121 -15.13 18.72 -12.23
C TYR F 121 -16.22 19.80 -12.29
N HIS F 122 -16.97 19.85 -13.40
CA HIS F 122 -18.14 20.74 -13.55
C HIS F 122 -19.40 19.89 -13.69
N LEU F 123 -20.28 19.93 -12.69
CA LEU F 123 -21.53 19.16 -12.72
C LEU F 123 -22.75 20.03 -12.45
N GLU F 124 -23.77 19.89 -13.30
CA GLU F 124 -25.07 20.50 -13.06
C GLU F 124 -26.08 19.39 -12.81
N VAL F 125 -27.16 19.70 -12.09
CA VAL F 125 -28.20 18.70 -11.88
C VAL F 125 -29.12 18.66 -13.11
N LEU F 126 -29.36 17.45 -13.61
CA LEU F 126 -30.26 17.25 -14.74
C LEU F 126 -31.66 16.98 -14.20
N LYS F 127 -31.73 16.14 -13.17
CA LYS F 127 -32.99 15.77 -12.53
C LYS F 127 -32.70 15.22 -11.14
N HIS F 128 -33.61 15.47 -10.20
CA HIS F 128 -33.55 14.83 -8.89
C HIS F 128 -34.93 14.57 -8.27
N LYS F 129 -35.01 13.48 -7.53
CA LYS F 129 -36.18 13.12 -6.74
C LYS F 129 -35.72 12.36 -5.52
N GLY F 130 -35.97 12.91 -4.34
CA GLY F 130 -35.59 12.27 -3.08
C GLY F 130 -34.10 12.02 -3.01
N MET F 131 -33.75 10.75 -2.84
CA MET F 131 -32.35 10.31 -2.72
C MET F 131 -31.68 10.08 -4.07
N ILE F 132 -32.47 10.12 -5.14
CA ILE F 132 -32.00 9.80 -6.49
C ILE F 132 -31.67 11.05 -7.29
N TRP F 133 -30.40 11.18 -7.68
CA TRP F 133 -29.91 12.39 -8.33
C TRP F 133 -29.24 12.10 -9.68
N GLN F 134 -29.75 12.76 -10.72
CA GLN F 134 -29.13 12.70 -12.04
C GLN F 134 -28.36 13.98 -12.34
N VAL F 135 -27.06 13.85 -12.54
CA VAL F 135 -26.21 14.98 -12.92
C VAL F 135 -25.44 14.71 -14.21
N GLY F 136 -24.87 15.77 -14.76
CA GLY F 136 -24.07 15.67 -15.96
C GLY F 136 -23.16 16.86 -16.06
N GLY F 137 -22.07 16.70 -16.80
CA GLY F 137 -21.17 17.79 -17.06
C GLY F 137 -19.86 17.33 -17.67
N THR F 138 -18.78 17.96 -17.25
CA THR F 138 -17.46 17.73 -17.83
C THR F 138 -16.36 17.68 -16.76
N ALA F 139 -15.20 17.15 -17.16
CA ALA F 139 -13.96 17.28 -16.41
C ALA F 139 -13.02 18.12 -17.28
N GLN F 140 -12.33 19.06 -16.66
CA GLN F 140 -11.49 20.00 -17.39
C GLN F 140 -10.08 20.08 -16.81
N VAL F 141 -9.10 20.23 -17.69
CA VAL F 141 -7.73 20.52 -17.31
C VAL F 141 -7.31 21.78 -18.07
N ASP F 142 -6.89 22.80 -17.33
CA ASP F 142 -6.43 24.06 -17.91
C ASP F 142 -7.40 24.64 -18.93
N GLY F 143 -8.68 24.65 -18.57
CA GLY F 143 -9.73 25.24 -19.42
C GLY F 143 -10.25 24.34 -20.53
N LYS F 144 -9.60 23.19 -20.73
CA LYS F 144 -9.97 22.25 -21.80
C LYS F 144 -10.74 21.03 -21.29
N VAL F 145 -11.85 20.73 -21.97
CA VAL F 145 -12.68 19.56 -21.65
C VAL F 145 -11.93 18.28 -21.97
N VAL F 146 -11.66 17.49 -20.94
CA VAL F 146 -10.95 16.21 -21.11
C VAL F 146 -11.90 15.03 -21.07
N ALA F 147 -13.13 15.27 -20.61
CA ALA F 147 -14.15 14.23 -20.47
C ALA F 147 -15.55 14.81 -20.30
N GLU F 148 -16.53 14.07 -20.79
CA GLU F 148 -17.95 14.39 -20.56
C GLU F 148 -18.60 13.17 -19.95
N ALA F 149 -19.63 13.37 -19.14
CA ALA F 149 -20.37 12.26 -18.56
C ALA F 149 -21.73 12.69 -18.02
N GLU F 150 -22.65 11.73 -18.00
CA GLU F 150 -23.90 11.87 -17.25
C GLU F 150 -24.02 10.67 -16.35
N LEU F 151 -24.55 10.88 -15.14
CA LEU F 151 -24.69 9.79 -14.17
C LEU F 151 -25.86 10.00 -13.21
N LYS F 152 -26.38 8.89 -12.69
CA LYS F 152 -27.42 8.92 -11.69
C LYS F 152 -26.95 8.18 -10.44
N ALA F 153 -27.05 8.84 -9.29
CA ALA F 153 -26.63 8.25 -8.02
C ALA F 153 -27.79 8.14 -7.03
N MET F 154 -27.63 7.26 -6.04
CA MET F 154 -28.57 7.15 -4.94
C MET F 154 -27.85 7.29 -3.60
N ILE F 155 -28.44 8.06 -2.71
CA ILE F 155 -28.00 8.17 -1.31
C ILE F 155 -28.81 7.17 -0.49
N ALA F 156 -28.12 6.42 0.38
CA ALA F 156 -28.78 5.38 1.18
C ALA F 156 -28.29 5.32 2.61
N GLU F 157 -29.19 4.92 3.52
CA GLU F 157 -28.85 4.67 4.92
C GLU F 157 -28.10 3.35 5.09
#